data_4KRZ
#
_entry.id   4KRZ
#
_cell.length_a   113.785
_cell.length_b   121.415
_cell.length_c   97.160
_cell.angle_alpha   90.00
_cell.angle_beta   115.74
_cell.angle_gamma   90.00
#
_symmetry.space_group_name_H-M   'C 1 2 1'
#
loop_
_entity.id
_entity.type
_entity.pdbx_description
1 polymer 'Pyruvate kinase'
2 non-polymer 'POTASSIUM ION'
3 non-polymer GLYCEROL
4 water water
#
_entity_poly.entity_id   1
_entity_poly.type   'polypeptide(L)'
_entity_poly.pdbx_seq_one_letter_code
;MGSSHHHHHHSSGLVPRGSHMSQLAHNVNLSIFEPISHHRANRIVCTIGPSTQSVEALKGLIRSGMSVARMNFSHGSHEY
HQTTINNLRAAATELGAHIGLALDTKGPEIRTGLFKDGGIALAPGDTVLVTSDPAFEKIGTKEKFYIEYPRLSITVRPGG
FIYIDDGVLSLKVLSKEDEYTLKCYVNNAHFLTDRKGCNLPGCEVDLPAVSEKDREDLKFGVEQGIDMVFASFIRTAEQV
QEVREALGEKGKDILIISKIENHQGVQNIDGIIEASDGIMVARGDLGVEIPAEKVVVAQMILISKCNVAGKPVICATQML
ESMTTNPRPTRAEVSDVANAVFNGADCVMLSGETAKGKYPNEVVQYMARICLEAQSATNQAVMFNSIKKMQKLPMSPEEA
VCSSAVNSVYEVRAKALLVLSNSGRSARLASKYRPDCPIICATTRMRTCRQLTITRSVDAVFYDAERYGEDENKEKRVQL
GVDCAKKKGYVVPGDLMVVVHADHKVKGYPNQTRIIYVS
;
_entity_poly.pdbx_strand_id   A,B
#
# COMPACT_ATOMS: atom_id res chain seq x y z
N MET A 21 22.69 0.86 -7.62
CA MET A 21 22.26 -0.10 -6.57
C MET A 21 20.77 -0.43 -6.75
N SER A 22 20.00 -0.43 -5.68
CA SER A 22 18.67 -1.02 -5.75
C SER A 22 17.76 -0.47 -4.67
N GLN A 23 16.47 -0.67 -4.86
CA GLN A 23 15.51 -0.37 -3.83
C GLN A 23 15.81 -1.23 -2.59
N LEU A 24 16.12 -2.50 -2.81
CA LEU A 24 16.49 -3.38 -1.69
C LEU A 24 17.62 -2.79 -0.82
N ALA A 25 18.66 -2.28 -1.47
CA ALA A 25 19.82 -1.72 -0.77
C ALA A 25 19.49 -0.38 -0.16
N HIS A 26 18.67 0.39 -0.84
CA HIS A 26 18.14 1.62 -0.26
C HIS A 26 17.41 1.35 1.02
N ASN A 27 16.50 0.38 1.03
CA ASN A 27 15.75 0.08 2.25
C ASN A 27 16.66 -0.27 3.42
N VAL A 28 17.65 -1.14 3.22
CA VAL A 28 18.41 -1.67 4.36
C VAL A 28 19.34 -0.62 4.98
N ASN A 29 19.67 0.42 4.20
CA ASN A 29 20.57 1.45 4.69
C ASN A 29 19.82 2.67 5.16
N LEU A 30 18.50 2.61 5.08
CA LEU A 30 17.66 3.73 5.49
C LEU A 30 17.64 3.94 7.00
N SER A 31 17.76 5.19 7.44
CA SER A 31 17.56 5.53 8.84
C SER A 31 16.24 6.23 9.02
N ILE A 32 15.27 5.53 9.56
CA ILE A 32 13.89 5.99 9.55
C ILE A 32 13.65 7.13 10.57
N PHE A 33 14.59 7.35 11.47
CA PHE A 33 14.42 8.40 12.46
C PHE A 33 15.22 9.67 12.18
N GLU A 34 16.18 9.57 11.25
N GLU A 34 16.17 9.59 11.26
CA GLU A 34 16.87 10.73 10.69
CA GLU A 34 16.87 10.76 10.77
C GLU A 34 15.86 11.69 10.05
C GLU A 34 15.91 11.69 10.03
N PRO A 35 16.11 13.01 10.17
CA PRO A 35 15.30 14.02 9.48
C PRO A 35 15.35 13.83 7.96
N ILE A 36 14.26 14.17 7.27
CA ILE A 36 14.28 14.20 5.82
C ILE A 36 14.77 15.55 5.30
N SER A 37 15.78 15.52 4.45
CA SER A 37 16.39 16.73 3.88
C SER A 37 15.86 17.01 2.46
N HIS A 38 15.07 16.07 1.94
CA HIS A 38 14.49 16.21 0.62
C HIS A 38 13.38 17.21 0.64
N HIS A 39 13.05 17.74 -0.54
CA HIS A 39 11.91 18.67 -0.73
C HIS A 39 10.79 18.01 -1.52
N ARG A 40 9.53 18.33 -1.17
CA ARG A 40 8.38 17.57 -1.64
C ARG A 40 8.24 17.62 -3.16
N ALA A 41 8.34 16.46 -3.78
CA ALA A 41 8.26 16.38 -5.23
C ALA A 41 6.83 16.10 -5.71
N ASN A 42 6.04 15.37 -4.92
CA ASN A 42 4.71 15.01 -5.39
C ASN A 42 3.76 16.16 -5.18
N ARG A 43 2.64 16.12 -5.88
CA ARG A 43 1.72 17.22 -5.91
C ARG A 43 0.34 16.77 -5.47
N ILE A 44 -0.41 17.68 -4.88
CA ILE A 44 -1.69 17.36 -4.31
C ILE A 44 -2.83 18.11 -5.02
N VAL A 45 -3.84 17.36 -5.45
CA VAL A 45 -5.04 17.95 -6.05
C VAL A 45 -6.13 17.91 -5.00
N CYS A 46 -6.80 19.05 -4.78
CA CYS A 46 -7.92 19.13 -3.84
C CYS A 46 -9.28 19.44 -4.50
N THR A 47 -10.29 18.67 -4.15
CA THR A 47 -11.64 19.01 -4.55
C THR A 47 -12.22 20.17 -3.73
N ILE A 48 -12.80 21.14 -4.42
CA ILE A 48 -13.43 22.28 -3.76
C ILE A 48 -14.90 21.99 -3.48
N GLY A 49 -15.33 22.25 -2.24
CA GLY A 49 -16.72 22.07 -1.84
C GLY A 49 -17.18 23.15 -0.85
N PRO A 50 -18.29 22.91 -0.14
CA PRO A 50 -18.78 23.76 0.96
C PRO A 50 -17.74 24.09 2.06
N SER A 51 -16.94 23.11 2.46
CA SER A 51 -15.89 23.34 3.47
C SER A 51 -14.87 24.38 3.03
N THR A 52 -14.72 24.56 1.72
CA THR A 52 -13.49 25.15 1.16
C THR A 52 -13.71 26.14 0.02
N GLN A 53 -14.89 26.73 -0.08
CA GLN A 53 -15.15 27.60 -1.20
C GLN A 53 -14.76 29.07 -1.05
N SER A 54 -14.62 29.52 0.20
CA SER A 54 -14.25 30.92 0.46
C SER A 54 -12.81 31.24 0.05
N VAL A 55 -12.54 32.53 -0.14
CA VAL A 55 -11.17 33.01 -0.34
C VAL A 55 -10.23 32.54 0.80
N GLU A 56 -10.64 32.74 2.05
CA GLU A 56 -9.86 32.33 3.22
C GLU A 56 -9.60 30.84 3.28
N ALA A 57 -10.64 30.06 3.08
CA ALA A 57 -10.53 28.63 3.04
C ALA A 57 -9.53 28.22 1.95
N LEU A 58 -9.66 28.80 0.76
CA LEU A 58 -8.79 28.45 -0.35
C LEU A 58 -7.33 28.80 -0.08
N LYS A 59 -7.10 29.94 0.59
CA LYS A 59 -5.75 30.27 1.06
C LYS A 59 -5.21 29.19 2.02
N GLY A 60 -6.05 28.75 2.96
CA GLY A 60 -5.63 27.70 3.89
C GLY A 60 -5.08 26.49 3.13
N LEU A 61 -5.91 25.95 2.22
CA LEU A 61 -5.51 24.88 1.31
C LEU A 61 -4.20 25.14 0.56
N ILE A 62 -4.08 26.33 -0.04
CA ILE A 62 -2.82 26.68 -0.73
C ILE A 62 -1.60 26.60 0.21
N ARG A 63 -1.76 27.14 1.43
CA ARG A 63 -0.69 27.13 2.44
C ARG A 63 -0.41 25.70 2.93
N SER A 64 -1.44 24.89 2.92
CA SER A 64 -1.34 23.53 3.42
C SER A 64 -0.61 22.59 2.45
N GLY A 65 -0.71 22.85 1.14
CA GLY A 65 0.03 22.08 0.15
C GLY A 65 -0.70 21.80 -1.17
N MET A 66 -1.91 22.37 -1.34
CA MET A 66 -2.66 22.22 -2.61
C MET A 66 -1.93 22.79 -3.80
N SER A 67 -1.88 22.04 -4.89
CA SER A 67 -1.28 22.55 -6.13
C SER A 67 -2.33 22.79 -7.23
N VAL A 68 -3.37 21.98 -7.18
CA VAL A 68 -4.41 21.97 -8.19
C VAL A 68 -5.74 21.98 -7.46
N ALA A 69 -6.65 22.87 -7.87
CA ALA A 69 -8.04 22.85 -7.40
C ALA A 69 -8.95 22.20 -8.44
N ARG A 70 -9.74 21.23 -7.98
CA ARG A 70 -10.61 20.46 -8.87
C ARG A 70 -12.05 20.88 -8.66
N MET A 71 -12.69 21.38 -9.72
CA MET A 71 -14.12 21.62 -9.68
C MET A 71 -14.82 20.35 -10.10
N ASN A 72 -15.63 19.78 -9.23
CA ASN A 72 -16.40 18.59 -9.60
C ASN A 72 -17.73 18.94 -10.26
N PHE A 73 -17.81 18.78 -11.58
CA PHE A 73 -19.01 19.21 -12.32
C PHE A 73 -20.18 18.22 -12.30
N SER A 74 -20.03 17.12 -11.55
CA SER A 74 -21.14 16.19 -11.24
C SER A 74 -22.23 16.88 -10.43
N HIS A 75 -21.84 17.95 -9.72
CA HIS A 75 -22.78 18.76 -8.93
C HIS A 75 -22.48 20.21 -9.12
N GLY A 76 -23.46 21.06 -8.85
CA GLY A 76 -23.25 22.49 -8.86
C GLY A 76 -23.42 23.04 -10.25
N SER A 77 -24.06 24.20 -10.32
CA SER A 77 -24.30 24.92 -11.57
C SER A 77 -23.04 25.72 -11.96
N HIS A 78 -23.10 26.37 -13.12
CA HIS A 78 -22.03 27.24 -13.58
C HIS A 78 -21.68 28.34 -12.60
N GLU A 79 -22.70 28.93 -11.97
CA GLU A 79 -22.46 30.01 -11.02
C GLU A 79 -21.83 29.53 -9.73
N TYR A 80 -22.18 28.34 -9.30
CA TYR A 80 -21.46 27.72 -8.22
C TYR A 80 -19.95 27.66 -8.52
N HIS A 81 -19.60 27.19 -9.70
CA HIS A 81 -18.20 27.00 -10.05
C HIS A 81 -17.50 28.29 -10.36
N GLN A 82 -18.22 29.24 -10.95
CA GLN A 82 -17.70 30.60 -11.13
C GLN A 82 -17.17 31.16 -9.80
N THR A 83 -17.87 30.87 -8.71
CA THR A 83 -17.43 31.28 -7.38
C THR A 83 -16.11 30.63 -7.01
N THR A 84 -15.98 29.32 -7.27
CA THR A 84 -14.73 28.64 -7.01
C THR A 84 -13.59 29.29 -7.78
N ILE A 85 -13.80 29.46 -9.09
CA ILE A 85 -12.83 30.08 -9.98
C ILE A 85 -12.40 31.45 -9.43
N ASN A 86 -13.35 32.31 -9.12
CA ASN A 86 -13.04 33.69 -8.74
C ASN A 86 -12.29 33.71 -7.42
N ASN A 87 -12.82 32.97 -6.45
CA ASN A 87 -12.23 32.95 -5.12
C ASN A 87 -10.83 32.29 -5.13
N LEU A 88 -10.65 31.24 -5.95
CA LEU A 88 -9.36 30.63 -6.10
C LEU A 88 -8.34 31.61 -6.71
N ARG A 89 -8.76 32.40 -7.70
CA ARG A 89 -7.84 33.36 -8.33
C ARG A 89 -7.54 34.52 -7.42
N ALA A 90 -8.52 34.92 -6.63
CA ALA A 90 -8.29 35.94 -5.59
C ALA A 90 -7.27 35.43 -4.55
N ALA A 91 -7.50 34.24 -4.01
CA ALA A 91 -6.55 33.61 -3.08
C ALA A 91 -5.14 33.42 -3.65
N ALA A 92 -5.04 32.90 -4.87
CA ALA A 92 -3.73 32.60 -5.43
C ALA A 92 -2.94 33.87 -5.57
N THR A 93 -3.59 34.91 -6.10
CA THR A 93 -2.98 36.22 -6.27
C THR A 93 -2.45 36.77 -4.95
N GLU A 94 -3.29 36.78 -3.92
CA GLU A 94 -2.84 37.22 -2.60
C GLU A 94 -1.55 36.55 -2.20
N LEU A 95 -1.45 35.26 -2.45
CA LEU A 95 -0.32 34.48 -1.95
C LEU A 95 0.82 34.40 -2.93
N GLY A 96 0.63 34.95 -4.13
CA GLY A 96 1.65 34.87 -5.16
C GLY A 96 1.89 33.44 -5.60
N ALA A 97 0.80 32.69 -5.78
CA ALA A 97 0.89 31.28 -6.10
C ALA A 97 0.22 30.94 -7.45
N HIS A 98 0.86 30.06 -8.21
CA HIS A 98 0.23 29.47 -9.39
C HIS A 98 -0.43 28.17 -9.04
N ILE A 99 -1.75 28.14 -9.16
CA ILE A 99 -2.52 26.96 -8.85
C ILE A 99 -3.22 26.51 -10.12
N GLY A 100 -3.18 25.20 -10.38
CA GLY A 100 -3.89 24.60 -11.49
C GLY A 100 -5.38 24.62 -11.24
N LEU A 101 -6.15 24.82 -12.32
CA LEU A 101 -7.60 24.82 -12.25
C LEU A 101 -8.14 23.71 -13.13
N ALA A 102 -8.84 22.76 -12.51
CA ALA A 102 -9.25 21.57 -13.24
C ALA A 102 -10.76 21.38 -13.20
N LEU A 103 -11.32 21.16 -14.40
CA LEU A 103 -12.74 20.89 -14.57
C LEU A 103 -12.93 19.39 -14.71
N ASP A 104 -13.61 18.81 -13.74
CA ASP A 104 -13.88 17.39 -13.78
C ASP A 104 -15.32 17.13 -14.24
N THR A 105 -15.46 16.53 -15.42
CA THR A 105 -16.77 16.46 -16.10
C THR A 105 -17.67 15.48 -15.42
N LYS A 106 -18.97 15.74 -15.46
CA LYS A 106 -19.95 14.79 -15.00
C LYS A 106 -19.87 13.45 -15.74
N GLY A 107 -19.79 13.50 -17.07
CA GLY A 107 -19.81 12.32 -17.90
C GLY A 107 -21.21 11.82 -18.25
N PRO A 108 -21.31 10.84 -19.16
CA PRO A 108 -22.60 10.26 -19.48
C PRO A 108 -23.13 9.50 -18.27
N GLU A 109 -24.44 9.35 -18.20
CA GLU A 109 -25.01 8.51 -17.17
C GLU A 109 -26.14 7.65 -17.70
N ILE A 110 -26.43 6.58 -16.96
CA ILE A 110 -27.65 5.82 -17.14
C ILE A 110 -28.56 6.10 -15.94
N ARG A 111 -29.73 6.69 -16.20
CA ARG A 111 -30.67 7.01 -15.12
C ARG A 111 -31.87 6.04 -15.11
N THR A 112 -32.42 5.78 -13.91
CA THR A 112 -33.77 5.18 -13.80
C THR A 112 -34.85 6.15 -14.28
N GLY A 113 -36.08 5.68 -14.42
CA GLY A 113 -37.23 6.54 -14.67
C GLY A 113 -37.88 7.01 -13.37
N LEU A 114 -39.17 7.35 -13.45
CA LEU A 114 -39.91 7.88 -12.28
C LEU A 114 -40.62 6.77 -11.49
N PHE A 115 -41.16 7.14 -10.33
CA PHE A 115 -41.97 6.23 -9.53
C PHE A 115 -43.22 6.94 -9.07
N LYS A 116 -44.31 6.19 -8.95
CA LYS A 116 -45.47 6.66 -8.21
C LYS A 116 -45.09 7.08 -6.78
N ASP A 117 -45.57 8.25 -6.38
CA ASP A 117 -45.22 8.86 -5.08
C ASP A 117 -43.72 9.15 -4.95
N GLY A 118 -43.02 9.13 -6.09
CA GLY A 118 -41.66 9.65 -6.18
C GLY A 118 -40.59 8.76 -5.60
N GLY A 119 -40.99 7.58 -5.11
CA GLY A 119 -40.04 6.62 -4.54
C GLY A 119 -40.67 5.28 -4.23
N ILE A 120 -39.81 4.30 -3.96
CA ILE A 120 -40.27 2.96 -3.60
C ILE A 120 -39.28 2.30 -2.64
N ALA A 121 -39.78 1.50 -1.72
CA ALA A 121 -38.94 0.77 -0.76
C ALA A 121 -38.68 -0.67 -1.22
N LEU A 122 -37.40 -1.07 -1.21
CA LEU A 122 -37.03 -2.43 -1.57
C LEU A 122 -36.41 -3.18 -0.39
N ALA A 123 -36.57 -4.49 -0.36
CA ALA A 123 -36.13 -5.32 0.78
C ALA A 123 -35.21 -6.46 0.37
N PRO A 124 -34.21 -6.77 1.22
CA PRO A 124 -33.25 -7.85 0.93
C PRO A 124 -33.93 -9.21 0.77
N GLY A 125 -34.07 -9.67 -0.47
CA GLY A 125 -34.77 -10.92 -0.76
C GLY A 125 -35.95 -10.75 -1.69
N ASP A 126 -36.31 -9.49 -1.98
CA ASP A 126 -37.37 -9.19 -2.95
C ASP A 126 -36.87 -9.34 -4.38
N THR A 127 -37.78 -9.74 -5.27
CA THR A 127 -37.52 -9.67 -6.70
C THR A 127 -38.13 -8.39 -7.29
N VAL A 128 -37.48 -7.84 -8.31
CA VAL A 128 -37.98 -6.65 -8.99
C VAL A 128 -37.59 -6.75 -10.46
N LEU A 129 -38.52 -6.46 -11.34
CA LEU A 129 -38.25 -6.44 -12.77
C LEU A 129 -37.73 -5.07 -13.18
N VAL A 130 -36.65 -5.07 -13.95
CA VAL A 130 -36.14 -3.84 -14.52
C VAL A 130 -36.23 -3.92 -16.03
N THR A 131 -36.68 -2.82 -16.63
CA THR A 131 -37.01 -2.85 -18.03
C THR A 131 -36.52 -1.62 -18.74
N SER A 132 -36.13 -1.77 -20.00
CA SER A 132 -35.82 -0.66 -20.87
C SER A 132 -36.99 -0.22 -21.73
N ASP A 133 -38.11 -0.93 -21.62
CA ASP A 133 -39.37 -0.48 -22.26
C ASP A 133 -39.88 0.88 -21.66
N PRO A 134 -39.88 1.96 -22.49
CA PRO A 134 -40.23 3.31 -22.04
C PRO A 134 -41.65 3.42 -21.50
N ALA A 135 -42.55 2.54 -21.95
CA ALA A 135 -43.90 2.48 -21.38
C ALA A 135 -43.86 2.47 -19.85
N PHE A 136 -42.74 2.07 -19.28
CA PHE A 136 -42.62 2.04 -17.83
C PHE A 136 -41.84 3.21 -17.24
N GLU A 137 -41.44 4.15 -18.09
CA GLU A 137 -40.67 5.32 -17.65
C GLU A 137 -41.30 6.02 -16.44
N LYS A 138 -42.61 6.25 -16.52
CA LYS A 138 -43.26 7.16 -15.59
C LYS A 138 -43.90 6.46 -14.40
N ILE A 139 -43.82 5.13 -14.35
CA ILE A 139 -44.76 4.35 -13.52
C ILE A 139 -44.11 3.22 -12.72
N GLY A 140 -42.95 3.50 -12.14
CA GLY A 140 -42.16 2.49 -11.46
C GLY A 140 -42.80 2.04 -10.16
N THR A 141 -42.60 0.77 -9.81
CA THR A 141 -43.19 0.20 -8.61
C THR A 141 -42.17 -0.70 -7.93
N LYS A 142 -42.42 -1.08 -6.68
CA LYS A 142 -41.65 -2.13 -6.01
C LYS A 142 -41.42 -3.37 -6.89
N GLU A 143 -42.27 -3.53 -7.89
CA GLU A 143 -42.37 -4.77 -8.64
C GLU A 143 -41.74 -4.65 -10.03
N LYS A 144 -41.76 -3.44 -10.58
CA LYS A 144 -41.22 -3.20 -11.91
C LYS A 144 -40.92 -1.72 -12.14
N PHE A 145 -39.71 -1.43 -12.66
CA PHE A 145 -39.36 -0.08 -13.05
C PHE A 145 -38.41 0.03 -14.26
N TYR A 146 -38.19 1.25 -14.70
CA TYR A 146 -37.55 1.56 -15.97
C TYR A 146 -36.10 1.98 -15.77
N ILE A 147 -35.21 1.46 -16.62
CA ILE A 147 -33.88 2.02 -16.74
C ILE A 147 -33.66 2.48 -18.18
N GLU A 148 -33.14 3.70 -18.30
CA GLU A 148 -33.02 4.36 -19.58
C GLU A 148 -31.79 3.83 -20.30
N TYR A 149 -31.87 2.59 -20.78
CA TYR A 149 -30.77 1.99 -21.47
C TYR A 149 -31.20 0.94 -22.51
N PRO A 150 -31.38 1.37 -23.76
CA PRO A 150 -32.09 0.54 -24.73
C PRO A 150 -31.54 -0.89 -24.90
N ARG A 151 -30.24 -1.07 -24.71
CA ARG A 151 -29.64 -2.38 -24.95
C ARG A 151 -29.48 -3.18 -23.66
N LEU A 152 -30.25 -2.79 -22.65
CA LEU A 152 -30.23 -3.46 -21.34
C LEU A 152 -30.05 -4.98 -21.37
N SER A 153 -30.91 -5.68 -22.08
CA SER A 153 -30.93 -7.13 -21.97
C SER A 153 -30.03 -7.80 -23.01
N ILE A 154 -29.38 -6.98 -23.85
CA ILE A 154 -28.24 -7.43 -24.66
C ILE A 154 -26.92 -7.27 -23.91
N THR A 155 -26.95 -6.54 -22.80
CA THR A 155 -25.73 -6.07 -22.17
C THR A 155 -25.50 -6.77 -20.84
N VAL A 156 -26.43 -6.58 -19.92
CA VAL A 156 -26.34 -7.21 -18.61
C VAL A 156 -26.87 -8.65 -18.63
N ARG A 157 -26.05 -9.58 -18.12
CA ARG A 157 -26.36 -11.02 -18.14
C ARG A 157 -26.89 -11.48 -16.78
N PRO A 158 -27.51 -12.67 -16.73
CA PRO A 158 -27.84 -13.28 -15.44
C PRO A 158 -26.60 -13.52 -14.58
N GLY A 159 -26.74 -13.35 -13.26
CA GLY A 159 -25.60 -13.46 -12.35
C GLY A 159 -24.75 -12.20 -12.31
N GLY A 160 -24.93 -11.35 -13.32
CA GLY A 160 -24.37 -10.00 -13.31
C GLY A 160 -25.09 -9.05 -12.36
N PHE A 161 -24.54 -7.86 -12.18
CA PHE A 161 -25.01 -6.95 -11.16
C PHE A 161 -25.39 -5.60 -11.76
N ILE A 162 -26.32 -4.92 -11.10
CA ILE A 162 -26.60 -3.53 -11.38
C ILE A 162 -26.57 -2.76 -10.07
N TYR A 163 -25.94 -1.58 -10.09
CA TYR A 163 -25.92 -0.70 -8.92
C TYR A 163 -26.59 0.64 -9.22
N ILE A 164 -27.37 1.12 -8.27
CA ILE A 164 -28.17 2.31 -8.48
C ILE A 164 -28.03 3.23 -7.29
N ASP A 165 -28.00 4.53 -7.57
CA ASP A 165 -27.92 5.54 -6.51
C ASP A 165 -26.51 5.55 -5.93
N ASP A 166 -25.56 6.12 -6.69
CA ASP A 166 -24.12 6.03 -6.37
C ASP A 166 -23.72 4.68 -5.75
N GLY A 167 -23.99 3.60 -6.46
CA GLY A 167 -23.55 2.27 -6.04
C GLY A 167 -24.17 1.69 -4.76
N VAL A 168 -25.21 2.34 -4.24
CA VAL A 168 -25.77 1.95 -2.94
C VAL A 168 -26.70 0.73 -3.01
N LEU A 169 -27.70 0.76 -3.89
CA LEU A 169 -28.58 -0.38 -4.10
C LEU A 169 -27.90 -1.44 -4.99
N SER A 170 -27.83 -2.68 -4.49
CA SER A 170 -27.27 -3.80 -5.28
C SER A 170 -28.36 -4.76 -5.74
N LEU A 171 -28.44 -4.96 -7.06
CA LEU A 171 -29.35 -5.96 -7.65
C LEU A 171 -28.55 -7.06 -8.36
N LYS A 172 -28.84 -8.31 -8.05
CA LYS A 172 -28.28 -9.42 -8.81
C LYS A 172 -29.25 -9.88 -9.89
N VAL A 173 -28.79 -9.87 -11.13
CA VAL A 173 -29.65 -10.27 -12.25
C VAL A 173 -29.91 -11.78 -12.24
N LEU A 174 -31.16 -12.15 -12.01
CA LEU A 174 -31.54 -13.57 -11.91
C LEU A 174 -31.68 -14.23 -13.28
N SER A 175 -32.28 -13.50 -14.22
CA SER A 175 -32.68 -14.09 -15.51
C SER A 175 -33.19 -13.02 -16.48
N LYS A 176 -33.07 -13.33 -17.77
CA LYS A 176 -33.71 -12.57 -18.83
C LYS A 176 -35.19 -13.02 -19.00
N GLU A 177 -36.13 -12.08 -18.84
CA GLU A 177 -37.56 -12.36 -19.05
C GLU A 177 -37.96 -12.21 -20.51
N ASP A 178 -37.55 -11.10 -21.12
CA ASP A 178 -37.73 -10.88 -22.54
C ASP A 178 -36.66 -9.93 -23.03
N GLU A 179 -36.86 -9.30 -24.17
CA GLU A 179 -35.82 -8.48 -24.78
C GLU A 179 -35.72 -7.08 -24.16
N TYR A 180 -36.58 -6.79 -23.19
CA TYR A 180 -36.64 -5.46 -22.60
C TYR A 180 -36.49 -5.52 -21.08
N THR A 181 -36.44 -6.74 -20.54
CA THR A 181 -36.73 -6.95 -19.13
C THR A 181 -35.85 -8.00 -18.48
N LEU A 182 -35.32 -7.66 -17.31
CA LEU A 182 -34.59 -8.61 -16.50
C LEU A 182 -35.29 -8.79 -15.18
N LYS A 183 -35.27 -10.02 -14.66
CA LYS A 183 -35.66 -10.29 -13.27
C LYS A 183 -34.44 -10.22 -12.33
N CYS A 184 -34.58 -9.45 -11.24
CA CYS A 184 -33.47 -9.18 -10.34
C CYS A 184 -33.74 -9.62 -8.90
N TYR A 185 -32.67 -9.76 -8.13
CA TYR A 185 -32.74 -10.09 -6.71
C TYR A 185 -32.26 -8.84 -5.94
N VAL A 186 -33.02 -8.42 -4.93
CA VAL A 186 -32.58 -7.29 -4.10
C VAL A 186 -31.69 -7.74 -2.93
N ASN A 187 -30.43 -7.29 -2.95
CA ASN A 187 -29.44 -7.71 -1.94
C ASN A 187 -29.46 -6.87 -0.64
N ASN A 188 -30.03 -5.66 -0.73
CA ASN A 188 -30.03 -4.75 0.43
C ASN A 188 -31.21 -3.77 0.43
N ALA A 189 -31.68 -3.42 1.63
CA ALA A 189 -32.75 -2.44 1.78
C ALA A 189 -32.30 -1.07 1.26
N HIS A 190 -33.15 -0.46 0.43
CA HIS A 190 -32.93 0.90 -0.04
C HIS A 190 -34.25 1.51 -0.39
N PHE A 191 -34.38 2.82 -0.15
CA PHE A 191 -35.55 3.57 -0.64
C PHE A 191 -35.18 4.34 -1.92
N LEU A 192 -35.62 3.81 -3.06
CA LEU A 192 -35.19 4.29 -4.37
C LEU A 192 -36.12 5.37 -4.91
N THR A 193 -35.52 6.39 -5.50
CA THR A 193 -36.23 7.63 -5.80
C THR A 193 -35.99 8.07 -7.26
N ASP A 194 -36.75 9.07 -7.72
CA ASP A 194 -36.74 9.49 -9.14
C ASP A 194 -35.36 9.71 -9.80
N ARG A 195 -35.11 8.95 -10.87
CA ARG A 195 -34.07 9.27 -11.87
C ARG A 195 -32.64 9.12 -11.38
N LYS A 196 -32.39 8.09 -10.58
CA LYS A 196 -31.06 7.85 -10.03
C LYS A 196 -30.10 7.21 -11.04
N GLY A 197 -28.81 7.55 -10.91
CA GLY A 197 -27.78 6.96 -11.73
C GLY A 197 -27.58 5.46 -11.50
N CYS A 198 -27.23 4.75 -12.58
CA CYS A 198 -27.08 3.30 -12.55
C CYS A 198 -25.65 2.86 -12.88
N ASN A 199 -25.25 1.73 -12.32
CA ASN A 199 -23.99 1.08 -12.68
C ASN A 199 -24.19 -0.25 -13.35
N LEU A 200 -23.48 -0.48 -14.45
CA LEU A 200 -23.60 -1.73 -15.19
C LEU A 200 -22.26 -2.46 -15.28
N PRO A 201 -21.78 -2.97 -14.14
CA PRO A 201 -20.42 -3.52 -14.04
C PRO A 201 -20.18 -4.68 -15.00
N GLY A 202 -19.07 -4.63 -15.73
CA GLY A 202 -18.64 -5.75 -16.58
C GLY A 202 -19.14 -5.67 -18.01
N CYS A 203 -19.63 -4.50 -18.41
CA CYS A 203 -20.33 -4.35 -19.69
C CYS A 203 -19.71 -3.27 -20.55
N GLU A 204 -19.46 -3.58 -21.82
CA GLU A 204 -19.34 -2.52 -22.84
C GLU A 204 -20.68 -1.85 -22.98
N VAL A 205 -20.77 -0.62 -22.49
CA VAL A 205 -22.00 0.14 -22.61
C VAL A 205 -21.95 1.12 -23.77
N ASP A 206 -23.13 1.45 -24.29
CA ASP A 206 -23.23 2.33 -25.44
C ASP A 206 -23.54 3.74 -24.96
N LEU A 207 -22.50 4.46 -24.52
CA LEU A 207 -22.64 5.86 -24.09
C LEU A 207 -21.63 6.72 -24.81
N PRO A 208 -21.98 7.98 -25.10
CA PRO A 208 -21.06 8.83 -25.86
C PRO A 208 -19.83 9.23 -25.03
N ALA A 209 -18.77 9.68 -25.69
CA ALA A 209 -17.59 10.20 -25.02
C ALA A 209 -17.98 11.35 -24.09
N VAL A 210 -18.71 12.33 -24.64
CA VAL A 210 -19.25 13.41 -23.83
C VAL A 210 -20.75 13.48 -23.91
N SER A 211 -21.39 13.87 -22.81
CA SER A 211 -22.81 14.18 -22.83
C SER A 211 -23.05 15.59 -23.37
N GLU A 212 -24.31 15.92 -23.61
CA GLU A 212 -24.67 17.28 -23.97
C GLU A 212 -24.38 18.27 -22.85
N LYS A 213 -24.62 17.87 -21.60
CA LYS A 213 -24.21 18.69 -20.45
C LYS A 213 -22.68 18.93 -20.45
N ASP A 214 -21.91 17.85 -20.62
CA ASP A 214 -20.46 17.93 -20.76
C ASP A 214 -20.06 18.99 -21.77
N ARG A 215 -20.75 19.00 -22.91
CA ARG A 215 -20.44 19.96 -23.95
C ARG A 215 -20.61 21.39 -23.47
N GLU A 216 -21.70 21.66 -22.75
CA GLU A 216 -21.93 23.00 -22.20
C GLU A 216 -20.86 23.34 -21.19
N ASP A 217 -20.47 22.32 -20.42
CA ASP A 217 -19.54 22.52 -19.33
C ASP A 217 -18.13 22.79 -19.82
N LEU A 218 -17.70 22.05 -20.85
CA LEU A 218 -16.41 22.29 -21.48
C LEU A 218 -16.35 23.63 -22.13
N LYS A 219 -17.45 24.02 -22.78
CA LYS A 219 -17.57 25.36 -23.33
C LYS A 219 -17.33 26.41 -22.27
N PHE A 220 -18.05 26.31 -21.15
CA PHE A 220 -17.85 27.21 -20.01
C PHE A 220 -16.38 27.19 -19.53
N GLY A 221 -15.82 25.99 -19.39
CA GLY A 221 -14.44 25.82 -18.99
C GLY A 221 -13.47 26.58 -19.88
N VAL A 222 -13.67 26.50 -21.19
CA VAL A 222 -12.83 27.24 -22.14
C VAL A 222 -12.99 28.78 -22.01
N GLU A 223 -14.22 29.25 -21.82
CA GLU A 223 -14.47 30.68 -21.61
C GLU A 223 -13.81 31.20 -20.31
N GLN A 224 -13.80 30.37 -19.26
CA GLN A 224 -13.23 30.77 -17.99
C GLN A 224 -11.71 30.56 -17.87
N GLY A 225 -11.09 29.97 -18.90
CA GLY A 225 -9.63 29.77 -18.90
C GLY A 225 -9.13 28.70 -17.93
N ILE A 226 -9.84 27.57 -17.86
CA ILE A 226 -9.33 26.46 -17.06
C ILE A 226 -7.98 25.95 -17.61
N ASP A 227 -7.24 25.23 -16.77
CA ASP A 227 -5.95 24.73 -17.16
C ASP A 227 -6.01 23.31 -17.66
N MET A 228 -6.92 22.53 -17.13
CA MET A 228 -6.96 21.14 -17.49
C MET A 228 -8.35 20.56 -17.28
N VAL A 229 -8.61 19.43 -17.91
CA VAL A 229 -9.89 18.78 -17.85
C VAL A 229 -9.72 17.35 -17.38
N PHE A 230 -10.50 16.95 -16.39
CA PHE A 230 -10.52 15.57 -15.97
C PHE A 230 -11.70 14.88 -16.65
N ALA A 231 -11.42 14.13 -17.70
CA ALA A 231 -12.48 13.61 -18.56
C ALA A 231 -13.05 12.29 -18.07
N SER A 232 -14.32 12.31 -17.68
CA SER A 232 -14.90 11.16 -17.03
C SER A 232 -15.09 10.00 -17.98
N PHE A 233 -14.98 8.79 -17.44
CA PHE A 233 -15.46 7.59 -18.09
C PHE A 233 -14.83 7.34 -19.47
N ILE A 234 -13.54 7.60 -19.59
CA ILE A 234 -12.87 7.41 -20.86
C ILE A 234 -12.59 5.93 -21.15
N ARG A 235 -13.15 5.42 -22.24
CA ARG A 235 -13.04 4.00 -22.57
C ARG A 235 -12.19 3.70 -23.81
N THR A 236 -12.04 4.66 -24.73
CA THR A 236 -11.24 4.47 -25.95
C THR A 236 -10.40 5.70 -26.32
N ALA A 237 -9.41 5.49 -27.18
CA ALA A 237 -8.65 6.60 -27.79
C ALA A 237 -9.53 7.61 -28.55
N GLU A 238 -10.57 7.13 -29.26
CA GLU A 238 -11.43 8.03 -30.03
C GLU A 238 -12.25 8.96 -29.15
N GLN A 239 -12.69 8.45 -28.00
CA GLN A 239 -13.41 9.25 -27.05
C GLN A 239 -12.59 10.44 -26.56
N VAL A 240 -11.27 10.26 -26.49
CA VAL A 240 -10.39 11.34 -26.04
C VAL A 240 -10.36 12.38 -27.12
N GLN A 241 -10.24 11.89 -28.35
CA GLN A 241 -10.32 12.74 -29.53
C GLN A 241 -11.62 13.52 -29.58
N GLU A 242 -12.71 12.94 -29.10
CA GLU A 242 -13.96 13.69 -29.00
C GLU A 242 -13.92 14.84 -28.00
N VAL A 243 -13.27 14.64 -26.84
CA VAL A 243 -13.06 15.72 -25.87
C VAL A 243 -12.16 16.84 -26.48
N ARG A 244 -11.03 16.45 -27.07
CA ARG A 244 -10.20 17.35 -27.90
C ARG A 244 -11.04 18.21 -28.88
N GLU A 245 -11.94 17.56 -29.62
CA GLU A 245 -12.79 18.27 -30.58
C GLU A 245 -13.81 19.17 -29.91
N ALA A 246 -14.41 18.69 -28.82
CA ALA A 246 -15.29 19.54 -28.02
C ALA A 246 -14.60 20.84 -27.61
N LEU A 247 -13.49 20.73 -26.87
CA LEU A 247 -12.70 21.89 -26.47
C LEU A 247 -12.35 22.83 -27.66
N GLY A 248 -12.17 22.25 -28.84
CA GLY A 248 -12.07 23.01 -30.07
C GLY A 248 -10.77 23.79 -30.18
N GLU A 249 -10.75 24.74 -31.10
CA GLU A 249 -9.53 25.46 -31.40
C GLU A 249 -9.18 26.34 -30.23
N LYS A 250 -10.19 27.00 -29.68
CA LYS A 250 -10.02 28.00 -28.63
C LYS A 250 -9.46 27.36 -27.35
N GLY A 251 -9.75 26.07 -27.15
CA GLY A 251 -9.23 25.34 -26.01
C GLY A 251 -8.16 24.30 -26.37
N LYS A 252 -7.40 24.55 -27.43
CA LYS A 252 -6.40 23.59 -27.87
C LYS A 252 -5.23 23.45 -26.91
N ASP A 253 -5.08 24.38 -25.97
CA ASP A 253 -3.96 24.30 -25.01
C ASP A 253 -4.36 23.88 -23.59
N ILE A 254 -5.62 23.51 -23.43
CA ILE A 254 -6.08 22.91 -22.19
C ILE A 254 -5.70 21.42 -22.20
N LEU A 255 -5.13 20.95 -21.09
CA LEU A 255 -4.73 19.53 -20.98
C LEU A 255 -5.94 18.65 -20.72
N ILE A 256 -5.95 17.48 -21.35
CA ILE A 256 -6.97 16.49 -21.08
C ILE A 256 -6.33 15.35 -20.25
N ILE A 257 -6.83 15.16 -19.04
CA ILE A 257 -6.48 13.99 -18.24
C ILE A 257 -7.61 12.97 -18.29
N SER A 258 -7.39 11.85 -18.96
CA SER A 258 -8.45 10.87 -19.13
C SER A 258 -8.64 10.04 -17.88
N LYS A 259 -9.88 9.99 -17.38
CA LYS A 259 -10.15 9.22 -16.18
C LYS A 259 -10.46 7.77 -16.50
N ILE A 260 -9.64 6.86 -15.97
CA ILE A 260 -9.85 5.46 -16.21
C ILE A 260 -10.70 4.86 -15.11
N GLU A 261 -11.82 4.27 -15.50
CA GLU A 261 -12.85 3.92 -14.56
C GLU A 261 -13.35 2.48 -14.69
N ASN A 262 -12.90 1.78 -15.72
CA ASN A 262 -13.42 0.44 -15.99
C ASN A 262 -12.51 -0.42 -16.85
N HIS A 263 -12.97 -1.63 -17.11
CA HIS A 263 -12.18 -2.63 -17.82
CA HIS A 263 -12.25 -2.67 -17.86
C HIS A 263 -11.76 -2.15 -19.19
N GLN A 264 -12.65 -1.44 -19.91
CA GLN A 264 -12.29 -0.97 -21.27
C GLN A 264 -11.16 0.03 -21.21
N GLY A 265 -11.31 1.02 -20.35
CA GLY A 265 -10.24 1.94 -20.07
C GLY A 265 -8.92 1.24 -19.82
N VAL A 266 -8.94 0.21 -18.98
CA VAL A 266 -7.70 -0.44 -18.59
C VAL A 266 -7.16 -1.23 -19.78
N GLN A 267 -8.06 -1.90 -20.48
CA GLN A 267 -7.74 -2.59 -21.73
C GLN A 267 -7.16 -1.66 -22.81
N ASN A 268 -7.66 -0.43 -22.90
CA ASN A 268 -7.29 0.46 -24.01
C ASN A 268 -6.27 1.50 -23.65
N ILE A 269 -5.56 1.28 -22.54
CA ILE A 269 -4.82 2.36 -21.91
C ILE A 269 -3.72 2.94 -22.84
N ASP A 270 -3.03 2.05 -23.58
CA ASP A 270 -1.97 2.49 -24.52
C ASP A 270 -2.44 3.59 -25.47
N GLY A 271 -3.54 3.32 -26.17
CA GLY A 271 -4.13 4.31 -27.08
C GLY A 271 -4.67 5.54 -26.34
N ILE A 272 -5.27 5.33 -25.18
CA ILE A 272 -5.79 6.44 -24.40
C ILE A 272 -4.65 7.34 -23.92
N ILE A 273 -3.57 6.73 -23.47
CA ILE A 273 -2.39 7.50 -23.07
C ILE A 273 -1.85 8.33 -24.23
N GLU A 274 -1.60 7.66 -25.36
CA GLU A 274 -1.20 8.35 -26.58
C GLU A 274 -2.03 9.59 -26.89
N ALA A 275 -3.34 9.50 -26.66
CA ALA A 275 -4.25 10.55 -27.08
C ALA A 275 -4.39 11.62 -26.03
N SER A 276 -4.12 11.27 -24.78
CA SER A 276 -4.37 12.17 -23.67
C SER A 276 -3.12 12.99 -23.34
N ASP A 277 -3.25 13.95 -22.42
CA ASP A 277 -2.08 14.61 -21.84
C ASP A 277 -1.70 13.97 -20.47
N GLY A 278 -2.58 13.14 -19.95
CA GLY A 278 -2.35 12.48 -18.69
C GLY A 278 -3.50 11.54 -18.35
N ILE A 279 -3.36 10.86 -17.22
CA ILE A 279 -4.29 9.83 -16.79
C ILE A 279 -4.68 10.01 -15.33
N MET A 280 -5.95 9.83 -15.04
CA MET A 280 -6.38 9.70 -13.67
C MET A 280 -6.86 8.28 -13.36
N VAL A 281 -6.23 7.63 -12.38
CA VAL A 281 -6.65 6.32 -11.90
C VAL A 281 -7.78 6.49 -10.89
N ALA A 282 -8.99 6.22 -11.33
CA ALA A 282 -10.16 6.30 -10.48
C ALA A 282 -10.42 4.97 -9.76
N ARG A 283 -9.72 4.76 -8.65
CA ARG A 283 -9.73 3.48 -7.93
C ARG A 283 -11.10 2.97 -7.49
N GLY A 284 -11.94 3.85 -6.95
CA GLY A 284 -13.25 3.44 -6.43
C GLY A 284 -14.15 2.96 -7.53
N ASP A 285 -14.27 3.79 -8.58
CA ASP A 285 -14.90 3.40 -9.87
C ASP A 285 -14.40 2.07 -10.44
N LEU A 286 -13.09 1.88 -10.54
CA LEU A 286 -12.56 0.60 -11.02
C LEU A 286 -12.98 -0.55 -10.11
N GLY A 287 -13.01 -0.28 -8.82
CA GLY A 287 -13.30 -1.28 -7.82
C GLY A 287 -14.73 -1.76 -7.79
N VAL A 288 -15.60 -1.09 -8.56
CA VAL A 288 -16.96 -1.53 -8.70
C VAL A 288 -17.02 -2.72 -9.65
N GLU A 289 -16.13 -2.73 -10.63
CA GLU A 289 -16.16 -3.72 -11.70
C GLU A 289 -15.14 -4.84 -11.47
N ILE A 290 -14.02 -4.48 -10.88
CA ILE A 290 -12.84 -5.28 -10.94
C ILE A 290 -12.51 -5.66 -9.53
N PRO A 291 -12.07 -6.91 -9.30
CA PRO A 291 -11.66 -7.30 -7.93
C PRO A 291 -10.60 -6.35 -7.35
N ALA A 292 -10.72 -6.03 -6.07
CA ALA A 292 -9.86 -5.07 -5.44
C ALA A 292 -8.37 -5.36 -5.69
N GLU A 293 -7.99 -6.63 -5.68
CA GLU A 293 -6.57 -6.98 -5.83
C GLU A 293 -6.11 -6.70 -7.25
N LYS A 294 -7.05 -6.65 -8.16
CA LYS A 294 -6.71 -6.31 -9.51
C LYS A 294 -6.71 -4.79 -9.77
N VAL A 295 -7.38 -4.03 -8.92
CA VAL A 295 -7.30 -2.58 -8.99
C VAL A 295 -5.90 -2.11 -8.56
N VAL A 296 -5.41 -2.70 -7.47
CA VAL A 296 -4.04 -2.51 -7.01
C VAL A 296 -3.06 -2.70 -8.14
N VAL A 297 -3.25 -3.75 -8.93
CA VAL A 297 -2.31 -4.04 -10.00
C VAL A 297 -2.56 -3.17 -11.24
N ALA A 298 -3.83 -2.98 -11.61
CA ALA A 298 -4.18 -1.92 -12.57
C ALA A 298 -3.53 -0.56 -12.24
N GLN A 299 -3.59 -0.15 -10.98
CA GLN A 299 -2.97 1.11 -10.59
C GLN A 299 -1.48 1.11 -10.98
N MET A 300 -0.80 0.01 -10.68
CA MET A 300 0.61 -0.15 -11.00
C MET A 300 0.88 -0.04 -12.49
N ILE A 301 0.07 -0.72 -13.29
CA ILE A 301 0.29 -0.77 -14.71
C ILE A 301 0.08 0.61 -15.31
N LEU A 302 -1.08 1.18 -15.01
CA LEU A 302 -1.45 2.49 -15.50
C LEU A 302 -0.40 3.56 -15.13
N ILE A 303 0.00 3.60 -13.85
CA ILE A 303 1.05 4.53 -13.45
C ILE A 303 2.38 4.31 -14.18
N SER A 304 2.82 3.06 -14.29
CA SER A 304 4.07 2.79 -14.96
C SER A 304 4.01 3.22 -16.41
N LYS A 305 2.87 3.00 -17.05
CA LYS A 305 2.73 3.36 -18.43
C LYS A 305 2.84 4.85 -18.66
N CYS A 306 2.36 5.64 -17.70
CA CYS A 306 2.43 7.07 -17.84
C CYS A 306 3.82 7.57 -17.60
N ASN A 307 4.48 6.99 -16.59
CA ASN A 307 5.85 7.32 -16.35
C ASN A 307 6.61 7.13 -17.67
N VAL A 308 6.56 5.92 -18.20
CA VAL A 308 7.30 5.62 -19.39
C VAL A 308 6.98 6.62 -20.50
N ALA A 309 5.74 7.11 -20.54
CA ALA A 309 5.32 8.08 -21.58
C ALA A 309 5.68 9.51 -21.24
N GLY A 310 6.13 9.77 -20.01
CA GLY A 310 6.36 11.14 -19.59
C GLY A 310 5.10 11.97 -19.53
N LYS A 311 4.00 11.36 -19.08
CA LYS A 311 2.74 12.09 -18.89
C LYS A 311 2.20 11.97 -17.46
N PRO A 312 1.69 13.07 -16.91
CA PRO A 312 1.32 13.08 -15.50
C PRO A 312 0.26 12.02 -15.19
N VAL A 313 0.38 11.36 -14.05
CA VAL A 313 -0.65 10.44 -13.63
C VAL A 313 -1.13 10.79 -12.22
N ILE A 314 -2.44 10.79 -12.02
CA ILE A 314 -3.04 11.22 -10.76
C ILE A 314 -3.78 10.04 -10.18
N CYS A 315 -3.52 9.78 -8.91
CA CYS A 315 -4.23 8.77 -8.14
CA CYS A 315 -4.27 8.77 -8.19
C CYS A 315 -5.40 9.40 -7.40
N ALA A 316 -6.63 8.89 -7.63
CA ALA A 316 -7.86 9.48 -7.03
C ALA A 316 -8.79 8.51 -6.36
N THR A 317 -9.63 9.07 -5.49
CA THR A 317 -10.70 8.36 -4.78
C THR A 317 -10.13 7.45 -3.73
N GLN A 318 -10.88 7.31 -2.64
CA GLN A 318 -10.51 6.39 -1.57
C GLN A 318 -9.10 6.60 -1.04
N MET A 319 -8.76 7.85 -0.76
CA MET A 319 -7.41 8.20 -0.42
C MET A 319 -7.17 8.28 1.11
N LEU A 320 -7.68 9.34 1.73
CA LEU A 320 -7.76 9.43 3.21
C LEU A 320 -9.20 9.68 3.66
N GLU A 321 -10.13 8.90 3.12
CA GLU A 321 -11.56 9.11 3.33
C GLU A 321 -11.97 9.30 4.78
N SER A 322 -11.42 8.49 5.67
CA SER A 322 -11.89 8.49 7.05
C SER A 322 -11.54 9.81 7.75
N MET A 323 -10.59 10.54 7.17
CA MET A 323 -10.24 11.86 7.65
C MET A 323 -11.25 12.94 7.25
N THR A 324 -12.27 12.54 6.52
CA THR A 324 -13.39 13.43 6.25
C THR A 324 -14.09 13.84 7.55
N THR A 325 -14.14 12.92 8.52
CA THR A 325 -14.82 13.19 9.79
C THR A 325 -13.96 12.90 11.03
N ASN A 326 -12.85 12.19 10.85
CA ASN A 326 -11.94 11.94 11.96
C ASN A 326 -10.68 12.80 11.80
N PRO A 327 -10.03 13.16 12.93
CA PRO A 327 -8.81 13.97 12.85
C PRO A 327 -7.57 13.17 12.46
N ARG A 328 -7.68 11.85 12.46
CA ARG A 328 -6.59 11.00 11.93
C ARG A 328 -7.13 9.84 11.11
N PRO A 329 -6.37 9.44 10.05
CA PRO A 329 -6.74 8.31 9.21
C PRO A 329 -6.28 6.99 9.83
N THR A 330 -6.67 5.87 9.21
CA THR A 330 -6.09 4.55 9.54
C THR A 330 -4.72 4.36 8.87
N ARG A 331 -3.89 3.48 9.43
CA ARG A 331 -2.58 3.21 8.83
C ARG A 331 -2.77 2.67 7.41
N ALA A 332 -3.79 1.85 7.22
CA ALA A 332 -4.04 1.27 5.93
C ALA A 332 -4.19 2.39 4.89
N GLU A 333 -5.09 3.35 5.18
CA GLU A 333 -5.22 4.53 4.32
C GLU A 333 -3.90 5.26 4.09
N VAL A 334 -3.10 5.43 5.14
CA VAL A 334 -1.83 6.13 5.01
C VAL A 334 -0.89 5.37 4.07
N SER A 335 -0.88 4.06 4.24
CA SER A 335 -0.04 3.18 3.48
C SER A 335 -0.44 3.25 1.99
N ASP A 336 -1.74 3.44 1.76
CA ASP A 336 -2.29 3.44 0.41
C ASP A 336 -1.86 4.71 -0.36
N VAL A 337 -1.86 5.84 0.34
CA VAL A 337 -1.27 7.06 -0.19
C VAL A 337 0.22 6.85 -0.45
N ALA A 338 0.94 6.37 0.56
CA ALA A 338 2.40 6.12 0.38
C ALA A 338 2.65 5.32 -0.89
N ASN A 339 1.83 4.30 -1.10
CA ASN A 339 2.11 3.36 -2.14
CA ASN A 339 1.98 3.30 -2.14
C ASN A 339 1.82 3.91 -3.53
N ALA A 340 0.88 4.81 -3.63
CA ALA A 340 0.65 5.47 -4.89
C ALA A 340 1.94 6.22 -5.25
N VAL A 341 2.59 6.79 -4.24
CA VAL A 341 3.80 7.54 -4.48
C VAL A 341 4.90 6.60 -4.90
N PHE A 342 5.10 5.54 -4.11
CA PHE A 342 6.02 4.45 -4.50
C PHE A 342 5.72 3.91 -5.90
N ASN A 343 4.43 3.81 -6.26
CA ASN A 343 4.05 3.29 -7.58
C ASN A 343 4.58 4.17 -8.70
N GLY A 344 4.65 5.48 -8.45
CA GLY A 344 5.19 6.45 -9.42
C GLY A 344 4.24 7.58 -9.76
N ALA A 345 3.14 7.71 -9.03
CA ALA A 345 2.23 8.77 -9.26
C ALA A 345 2.89 10.16 -9.08
N ASP A 346 2.70 11.05 -10.06
CA ASP A 346 2.96 12.46 -9.88
C ASP A 346 2.15 13.01 -8.69
N CYS A 347 0.87 12.66 -8.66
CA CYS A 347 -0.13 13.38 -7.86
C CYS A 347 -1.04 12.44 -7.16
N VAL A 348 -1.51 12.90 -6.01
CA VAL A 348 -2.53 12.22 -5.27
C VAL A 348 -3.67 13.21 -5.01
N MET A 349 -4.90 12.72 -5.14
CA MET A 349 -6.06 13.61 -5.13
C MET A 349 -6.93 13.41 -3.90
N LEU A 350 -7.41 14.51 -3.33
CA LEU A 350 -8.41 14.46 -2.26
C LEU A 350 -9.81 14.82 -2.76
N SER A 351 -10.81 14.14 -2.23
CA SER A 351 -12.17 14.34 -2.68
C SER A 351 -13.06 14.99 -1.61
N GLY A 352 -13.92 14.18 -0.96
CA GLY A 352 -14.71 14.65 0.16
C GLY A 352 -13.89 15.25 1.29
N GLU A 353 -12.68 14.75 1.50
CA GLU A 353 -11.84 15.20 2.61
C GLU A 353 -11.59 16.70 2.60
N THR A 354 -11.57 17.30 1.42
CA THR A 354 -11.42 18.74 1.34
C THR A 354 -12.70 19.37 0.87
N ALA A 355 -13.49 18.62 0.14
CA ALA A 355 -14.69 19.17 -0.46
C ALA A 355 -15.74 19.43 0.62
N LYS A 356 -15.84 18.51 1.59
CA LYS A 356 -16.90 18.61 2.57
C LYS A 356 -16.50 18.15 3.98
N GLY A 357 -15.20 17.97 4.20
CA GLY A 357 -14.71 17.42 5.46
C GLY A 357 -14.50 18.43 6.56
N LYS A 358 -14.19 17.93 7.75
CA LYS A 358 -13.97 18.75 8.93
C LYS A 358 -12.55 19.32 9.02
N TYR A 359 -11.60 18.64 8.39
CA TYR A 359 -10.18 18.96 8.56
C TYR A 359 -9.45 19.16 7.24
N PRO A 360 -10.01 20.00 6.34
CA PRO A 360 -9.42 20.17 5.02
C PRO A 360 -7.96 20.54 5.06
N ASN A 361 -7.58 21.51 5.90
CA ASN A 361 -6.17 21.88 5.97
C ASN A 361 -5.31 20.74 6.48
N GLU A 362 -5.80 20.04 7.50
CA GLU A 362 -4.99 19.09 8.21
C GLU A 362 -4.74 17.88 7.35
N VAL A 363 -5.73 17.51 6.56
CA VAL A 363 -5.60 16.35 5.71
C VAL A 363 -4.61 16.65 4.58
N VAL A 364 -4.67 17.85 4.03
CA VAL A 364 -3.76 18.22 2.97
C VAL A 364 -2.34 18.23 3.50
N GLN A 365 -2.16 18.79 4.70
CA GLN A 365 -0.83 18.83 5.35
C GLN A 365 -0.33 17.40 5.56
N TYR A 366 -1.26 16.51 5.88
CA TYR A 366 -0.88 15.18 6.21
C TYR A 366 -0.46 14.38 4.96
N MET A 367 -1.25 14.50 3.90
CA MET A 367 -0.85 14.04 2.56
C MET A 367 0.55 14.47 2.18
N ALA A 368 0.83 15.77 2.35
CA ALA A 368 2.16 16.32 2.04
C ALA A 368 3.28 15.59 2.80
N ARG A 369 3.07 15.39 4.07
CA ARG A 369 4.02 14.67 4.93
C ARG A 369 4.20 13.21 4.47
N ILE A 370 3.10 12.56 4.08
CA ILE A 370 3.18 11.18 3.68
C ILE A 370 3.98 11.05 2.38
N CYS A 371 3.68 11.95 1.46
CA CYS A 371 4.34 12.02 0.19
C CYS A 371 5.83 12.15 0.42
N LEU A 372 6.19 13.00 1.36
CA LEU A 372 7.54 13.37 1.54
C LEU A 372 8.28 12.23 2.16
N GLU A 373 7.59 11.49 3.00
CA GLU A 373 8.15 10.34 3.66
C GLU A 373 8.47 9.27 2.62
N ALA A 374 7.55 9.09 1.66
CA ALA A 374 7.70 8.04 0.70
C ALA A 374 8.75 8.39 -0.37
N GLN A 375 8.79 9.66 -0.73
CA GLN A 375 9.81 10.16 -1.61
C GLN A 375 11.17 9.79 -1.05
N SER A 376 11.37 10.08 0.22
CA SER A 376 12.65 9.86 0.86
C SER A 376 12.99 8.35 1.00
N ALA A 377 11.97 7.51 1.02
CA ALA A 377 12.21 6.08 1.10
C ALA A 377 12.38 5.43 -0.28
N THR A 378 12.20 6.19 -1.36
CA THR A 378 12.36 5.67 -2.71
C THR A 378 13.80 5.88 -3.17
N ASN A 379 14.38 4.87 -3.81
CA ASN A 379 15.59 5.07 -4.61
C ASN A 379 15.26 5.59 -5.98
N GLN A 380 15.34 6.91 -6.17
CA GLN A 380 15.02 7.52 -7.46
C GLN A 380 15.98 7.10 -8.58
N ALA A 381 17.23 6.83 -8.23
CA ALA A 381 18.20 6.42 -9.25
C ALA A 381 17.68 5.20 -10.02
N VAL A 382 16.94 4.34 -9.33
CA VAL A 382 16.44 3.08 -9.92
C VAL A 382 15.37 3.33 -10.97
N MET A 383 14.51 4.27 -10.70
CA MET A 383 13.52 4.60 -11.67
C MET A 383 14.08 5.37 -12.84
N PHE A 384 15.04 6.24 -12.57
CA PHE A 384 15.76 6.88 -13.64
C PHE A 384 16.37 5.88 -14.57
N ASN A 385 17.10 4.90 -14.02
CA ASN A 385 17.70 3.86 -14.86
C ASN A 385 16.67 3.04 -15.62
N SER A 386 15.50 2.86 -15.01
CA SER A 386 14.49 2.01 -15.59
C SER A 386 13.82 2.68 -16.77
N ILE A 387 13.54 3.99 -16.63
CA ILE A 387 12.94 4.75 -17.71
C ILE A 387 13.94 4.78 -18.83
N LYS A 388 15.17 5.10 -18.48
CA LYS A 388 16.26 5.24 -19.43
C LYS A 388 16.39 4.01 -20.32
N LYS A 389 16.33 2.83 -19.72
CA LYS A 389 16.46 1.56 -20.46
C LYS A 389 15.32 1.27 -21.40
N MET A 390 14.22 1.99 -21.26
CA MET A 390 13.08 1.87 -22.20
C MET A 390 13.35 2.61 -23.50
N GLN A 391 14.31 3.52 -23.50
CA GLN A 391 14.47 4.44 -24.61
C GLN A 391 15.09 3.77 -25.80
N LYS A 392 14.41 3.85 -26.95
CA LYS A 392 14.94 3.33 -28.21
C LYS A 392 16.04 4.24 -28.75
N LEU A 393 16.97 3.65 -29.49
CA LEU A 393 18.10 4.40 -30.03
C LEU A 393 17.99 4.33 -31.55
N PRO A 394 18.22 5.46 -32.24
CA PRO A 394 18.47 6.82 -31.74
C PRO A 394 17.30 7.46 -30.99
N MET A 395 17.61 8.29 -30.01
CA MET A 395 16.64 9.18 -29.40
C MET A 395 16.54 10.43 -30.24
N SER A 396 15.46 11.18 -30.10
CA SER A 396 15.40 12.50 -30.70
C SER A 396 16.29 13.47 -29.89
N PRO A 397 16.74 14.56 -30.51
CA PRO A 397 17.52 15.57 -29.80
C PRO A 397 16.88 15.98 -28.46
N GLU A 398 15.58 16.19 -28.45
CA GLU A 398 14.94 16.69 -27.24
C GLU A 398 14.92 15.67 -26.08
N GLU A 399 14.70 14.39 -26.37
CA GLU A 399 14.83 13.34 -25.35
C GLU A 399 16.26 13.24 -24.87
N ALA A 400 17.19 13.20 -25.81
CA ALA A 400 18.58 13.08 -25.48
C ALA A 400 19.04 14.22 -24.51
N VAL A 401 18.61 15.43 -24.78
CA VAL A 401 19.02 16.57 -24.00
C VAL A 401 18.46 16.49 -22.56
N CYS A 402 17.19 16.13 -22.44
CA CYS A 402 16.58 16.04 -21.11
C CYS A 402 17.11 14.86 -20.28
N SER A 403 17.20 13.70 -20.89
CA SER A 403 17.72 12.53 -20.20
C SER A 403 19.20 12.72 -19.89
N SER A 404 19.86 13.51 -20.70
CA SER A 404 21.26 13.77 -20.47
C SER A 404 21.48 14.78 -19.32
N ALA A 405 20.63 15.81 -19.27
CA ALA A 405 20.57 16.72 -18.14
C ALA A 405 20.30 16.01 -16.78
N VAL A 406 19.32 15.12 -16.76
CA VAL A 406 19.04 14.35 -15.55
C VAL A 406 20.26 13.47 -15.19
N ASN A 407 20.81 12.79 -16.18
CA ASN A 407 21.99 12.01 -15.92
C ASN A 407 23.11 12.87 -15.29
N SER A 408 23.25 14.10 -15.78
CA SER A 408 24.25 15.03 -15.23
C SER A 408 24.00 15.36 -13.75
N VAL A 409 22.72 15.57 -13.38
CA VAL A 409 22.34 15.82 -11.98
C VAL A 409 22.91 14.77 -11.06
N TYR A 410 22.66 13.49 -11.38
CA TYR A 410 23.23 12.33 -10.62
C TYR A 410 24.74 12.30 -10.66
N GLU A 411 25.32 12.63 -11.81
CA GLU A 411 26.77 12.48 -11.99
C GLU A 411 27.62 13.52 -11.28
N VAL A 412 27.18 14.78 -11.26
CA VAL A 412 27.88 15.82 -10.52
C VAL A 412 27.19 16.16 -9.20
N ARG A 413 26.09 15.47 -8.91
CA ARG A 413 25.31 15.71 -7.70
C ARG A 413 24.79 17.13 -7.59
N ALA A 414 24.12 17.59 -8.64
CA ALA A 414 23.52 18.91 -8.65
C ALA A 414 22.32 18.94 -7.71
N LYS A 415 21.99 20.10 -7.18
CA LYS A 415 20.95 20.21 -6.17
C LYS A 415 19.72 20.88 -6.73
N ALA A 416 19.80 21.27 -8.00
CA ALA A 416 18.62 21.65 -8.74
C ALA A 416 18.82 21.60 -10.22
N LEU A 417 17.72 21.43 -10.94
CA LEU A 417 17.73 21.41 -12.38
C LEU A 417 16.80 22.48 -12.93
N LEU A 418 17.34 23.33 -13.78
CA LEU A 418 16.60 24.45 -14.29
C LEU A 418 16.34 24.25 -15.76
N VAL A 419 15.08 24.26 -16.16
CA VAL A 419 14.78 24.29 -17.57
C VAL A 419 14.06 25.57 -17.96
N LEU A 420 14.45 26.10 -19.11
CA LEU A 420 13.74 27.20 -19.69
C LEU A 420 12.81 26.64 -20.75
N SER A 421 11.53 26.52 -20.41
CA SER A 421 10.55 25.97 -21.35
C SER A 421 9.27 26.75 -21.28
N ASN A 422 8.92 27.46 -22.36
CA ASN A 422 7.73 28.29 -22.34
C ASN A 422 6.43 27.50 -22.30
N SER A 423 6.41 26.35 -22.96
CA SER A 423 5.23 25.49 -22.96
C SER A 423 5.19 24.54 -21.76
N GLY A 424 6.35 24.27 -21.15
CA GLY A 424 6.43 23.26 -20.08
C GLY A 424 6.88 21.88 -20.55
N ARG A 425 6.95 21.73 -21.86
CA ARG A 425 7.31 20.46 -22.47
C ARG A 425 8.55 19.83 -21.87
N SER A 426 9.65 20.59 -21.81
CA SER A 426 10.90 20.04 -21.35
CA SER A 426 10.92 20.08 -21.33
C SER A 426 10.88 19.80 -19.83
N ALA A 427 10.05 20.58 -19.12
CA ALA A 427 9.84 20.32 -17.72
C ALA A 427 9.21 18.95 -17.54
N ARG A 428 8.24 18.62 -18.39
CA ARG A 428 7.61 17.31 -18.32
C ARG A 428 8.58 16.21 -18.73
N LEU A 429 9.40 16.49 -19.73
CA LEU A 429 10.38 15.54 -20.25
C LEU A 429 11.46 15.25 -19.20
N ALA A 430 12.02 16.32 -18.61
CA ALA A 430 12.92 16.19 -17.47
C ALA A 430 12.31 15.34 -16.37
N SER A 431 11.09 15.70 -15.97
CA SER A 431 10.48 15.09 -14.80
C SER A 431 10.38 13.59 -15.00
N LYS A 432 10.18 13.19 -16.24
CA LYS A 432 9.92 11.84 -16.58
C LYS A 432 11.12 10.95 -16.22
N TYR A 433 12.32 11.56 -16.21
CA TYR A 433 13.55 10.87 -15.95
C TYR A 433 13.90 10.83 -14.43
N ARG A 434 13.01 11.39 -13.61
CA ARG A 434 13.13 11.31 -12.11
C ARG A 434 14.50 11.72 -11.54
N PRO A 435 14.86 12.99 -11.71
CA PRO A 435 16.01 13.49 -10.96
C PRO A 435 15.76 13.45 -9.44
N ASP A 436 16.84 13.37 -8.67
CA ASP A 436 16.74 13.30 -7.22
CA ASP A 436 16.79 13.29 -7.23
C ASP A 436 16.81 14.70 -6.60
N CYS A 437 16.34 15.69 -7.33
CA CYS A 437 16.42 17.09 -6.89
C CYS A 437 15.25 17.84 -7.52
N PRO A 438 15.03 19.11 -7.11
CA PRO A 438 13.84 19.80 -7.67
C PRO A 438 14.08 20.32 -9.09
N ILE A 439 13.00 20.42 -9.87
CA ILE A 439 13.07 21.00 -11.20
C ILE A 439 12.42 22.36 -11.18
N ILE A 440 13.15 23.34 -11.66
CA ILE A 440 12.61 24.64 -11.85
C ILE A 440 12.46 24.90 -13.33
N CYS A 441 11.29 25.37 -13.70
CA CYS A 441 10.98 25.75 -15.07
C CYS A 441 10.70 27.25 -15.13
N ALA A 442 11.60 28.02 -15.76
CA ALA A 442 11.29 29.42 -16.10
C ALA A 442 10.53 29.47 -17.40
N THR A 443 9.33 30.06 -17.34
CA THR A 443 8.45 30.15 -18.48
C THR A 443 7.88 31.55 -18.63
N THR A 444 7.57 31.92 -19.87
CA THR A 444 6.93 33.18 -20.14
C THR A 444 5.41 33.14 -20.02
N ARG A 445 4.83 31.96 -19.82
CA ARG A 445 3.35 31.84 -19.72
C ARG A 445 2.86 31.42 -18.33
N MET A 446 2.01 32.24 -17.74
CA MET A 446 1.34 31.87 -16.49
C MET A 446 0.55 30.57 -16.62
N ARG A 447 -0.05 30.35 -17.79
CA ARG A 447 -0.75 29.13 -18.07
C ARG A 447 0.16 27.90 -17.91
N THR A 448 1.41 28.04 -18.35
CA THR A 448 2.37 26.98 -18.17
C THR A 448 2.66 26.77 -16.70
N CYS A 449 2.71 27.85 -15.94
CA CYS A 449 2.88 27.74 -14.49
C CYS A 449 1.77 26.92 -13.82
N ARG A 450 0.56 27.01 -14.34
CA ARG A 450 -0.58 26.43 -13.67
C ARG A 450 -0.68 24.98 -14.08
N GLN A 451 -0.19 24.71 -15.29
CA GLN A 451 -0.32 23.38 -15.84
C GLN A 451 0.77 22.47 -15.37
N LEU A 452 1.92 23.05 -15.02
CA LEU A 452 3.00 22.25 -14.46
C LEU A 452 2.74 21.76 -13.03
N THR A 453 1.59 22.13 -12.47
CA THR A 453 1.28 21.83 -11.08
C THR A 453 0.93 20.36 -10.88
N ILE A 454 0.76 19.62 -11.98
CA ILE A 454 0.53 18.19 -11.88
C ILE A 454 1.77 17.36 -12.26
N THR A 455 2.90 18.03 -12.46
CA THR A 455 4.12 17.35 -12.86
C THR A 455 5.12 17.27 -11.69
N ARG A 456 5.47 16.03 -11.31
CA ARG A 456 6.36 15.75 -10.22
C ARG A 456 7.65 16.61 -10.27
N SER A 457 8.02 17.18 -9.12
CA SER A 457 9.34 17.81 -8.91
C SER A 457 9.40 19.27 -9.30
N VAL A 458 8.39 19.75 -10.00
CA VAL A 458 8.51 20.99 -10.74
C VAL A 458 8.03 22.20 -9.94
N ASP A 459 8.84 23.25 -9.92
CA ASP A 459 8.38 24.57 -9.49
C ASP A 459 8.48 25.50 -10.68
N ALA A 460 7.34 26.02 -11.10
CA ALA A 460 7.36 26.92 -12.26
C ALA A 460 7.63 28.31 -11.75
N VAL A 461 8.44 29.06 -12.46
CA VAL A 461 8.59 30.48 -12.13
C VAL A 461 8.34 31.34 -13.36
N PHE A 462 7.57 32.39 -13.20
CA PHE A 462 7.09 33.20 -14.34
C PHE A 462 8.10 34.30 -14.71
N TYR A 463 8.60 34.27 -15.96
CA TYR A 463 9.41 35.33 -16.51
C TYR A 463 8.57 36.29 -17.34
N ASP A 464 8.51 37.54 -16.92
CA ASP A 464 7.68 38.53 -17.58
C ASP A 464 8.43 39.22 -18.68
N ALA A 465 8.32 38.68 -19.88
CA ALA A 465 9.09 39.18 -21.01
C ALA A 465 8.66 40.58 -21.46
N GLU A 466 7.44 40.98 -21.12
CA GLU A 466 6.91 42.32 -21.44
C GLU A 466 7.59 43.39 -20.62
N ARG A 467 7.93 43.04 -19.41
CA ARG A 467 8.65 43.94 -18.53
C ARG A 467 10.15 43.94 -18.79
N TYR A 468 10.73 42.74 -18.88
CA TYR A 468 12.17 42.58 -18.79
C TYR A 468 12.81 42.26 -20.13
N GLY A 469 12.01 42.10 -21.16
CA GLY A 469 12.55 41.83 -22.47
C GLY A 469 12.60 40.37 -22.86
N GLU A 470 13.06 40.13 -24.07
CA GLU A 470 12.99 38.80 -24.64
C GLU A 470 14.09 37.90 -24.15
N ASP A 471 15.13 38.48 -23.60
CA ASP A 471 16.14 37.69 -22.91
C ASP A 471 16.72 36.68 -23.87
N GLU A 472 17.02 37.12 -25.09
CA GLU A 472 17.61 36.24 -26.09
C GLU A 472 18.86 35.46 -25.64
N ASN A 473 19.77 36.10 -24.90
CA ASN A 473 20.94 35.37 -24.39
C ASN A 473 20.67 34.60 -23.07
N LYS A 474 19.40 34.47 -22.71
CA LYS A 474 18.98 33.66 -21.56
C LYS A 474 19.42 34.16 -20.19
N GLU A 475 20.30 35.14 -20.16
CA GLU A 475 20.90 35.55 -18.90
C GLU A 475 19.86 35.79 -17.81
N LYS A 476 18.72 36.42 -18.16
CA LYS A 476 17.75 36.81 -17.13
C LYS A 476 16.90 35.62 -16.62
N ARG A 477 16.45 34.76 -17.51
CA ARG A 477 15.76 33.55 -17.05
C ARG A 477 16.64 32.58 -16.22
N VAL A 478 17.93 32.47 -16.57
CA VAL A 478 18.85 31.68 -15.76
C VAL A 478 18.93 32.26 -14.39
N GLN A 479 19.17 33.56 -14.34
CA GLN A 479 19.32 34.25 -13.08
C GLN A 479 18.04 34.16 -12.23
N LEU A 480 16.88 34.34 -12.85
CA LEU A 480 15.60 34.15 -12.17
C LEU A 480 15.46 32.72 -11.66
N GLY A 481 15.87 31.74 -12.48
CA GLY A 481 15.78 30.35 -12.09
C GLY A 481 16.66 30.03 -10.88
N VAL A 482 17.89 30.54 -10.92
CA VAL A 482 18.82 30.37 -9.83
C VAL A 482 18.32 31.05 -8.55
N ASP A 483 17.82 32.29 -8.67
CA ASP A 483 17.27 33.00 -7.50
C ASP A 483 16.10 32.24 -6.86
N CYS A 484 15.23 31.71 -7.70
CA CYS A 484 14.14 30.85 -7.26
C CYS A 484 14.68 29.66 -6.45
N ALA A 485 15.73 29.01 -6.97
CA ALA A 485 16.33 27.89 -6.27
C ALA A 485 16.92 28.29 -4.91
N LYS A 486 17.59 29.44 -4.87
CA LYS A 486 18.17 29.95 -3.63
C LYS A 486 17.09 30.25 -2.62
N LYS A 487 16.04 30.88 -3.09
CA LYS A 487 15.05 31.43 -2.19
C LYS A 487 14.13 30.34 -1.61
N LYS A 488 14.08 29.18 -2.27
CA LYS A 488 13.36 28.02 -1.70
C LYS A 488 14.27 27.11 -0.86
N GLY A 489 15.53 27.50 -0.75
CA GLY A 489 16.51 26.74 0.03
C GLY A 489 16.96 25.47 -0.63
N TYR A 490 16.86 25.36 -1.96
CA TYR A 490 17.41 24.17 -2.65
C TYR A 490 18.91 24.24 -2.84
N VAL A 491 19.43 25.45 -3.03
CA VAL A 491 20.86 25.60 -3.32
C VAL A 491 21.40 26.77 -2.55
N VAL A 492 22.71 26.79 -2.40
CA VAL A 492 23.44 27.97 -1.89
C VAL A 492 24.64 28.21 -2.83
N PRO A 493 25.33 29.35 -2.66
CA PRO A 493 26.50 29.55 -3.50
C PRO A 493 27.46 28.40 -3.32
N GLY A 494 27.92 27.83 -4.43
CA GLY A 494 28.88 26.76 -4.35
C GLY A 494 28.30 25.46 -4.79
N ASP A 495 26.98 25.32 -4.67
CA ASP A 495 26.30 24.16 -5.21
C ASP A 495 26.32 24.15 -6.75
N LEU A 496 26.07 22.97 -7.31
CA LEU A 496 25.92 22.81 -8.76
C LEU A 496 24.45 22.77 -9.16
N MET A 497 24.13 23.46 -10.26
CA MET A 497 22.89 23.26 -10.98
C MET A 497 23.14 22.83 -12.42
N VAL A 498 22.17 22.12 -12.98
CA VAL A 498 22.16 21.86 -14.40
C VAL A 498 21.08 22.72 -15.04
N VAL A 499 21.43 23.38 -16.13
CA VAL A 499 20.51 24.27 -16.83
C VAL A 499 20.31 23.78 -18.27
N VAL A 500 19.05 23.65 -18.67
CA VAL A 500 18.68 23.29 -20.04
C VAL A 500 17.90 24.44 -20.70
N HIS A 501 18.38 24.91 -21.86
CA HIS A 501 17.72 26.02 -22.61
C HIS A 501 18.01 25.94 -24.08
N ALA A 502 17.30 26.76 -24.86
CA ALA A 502 17.49 26.79 -26.32
C ALA A 502 18.74 27.60 -26.72
N ASP A 503 19.33 27.28 -27.87
CA ASP A 503 20.34 28.17 -28.48
C ASP A 503 19.67 29.32 -29.27
N HIS A 504 20.34 29.79 -30.34
CA HIS A 504 19.81 30.89 -31.15
C HIS A 504 19.29 30.41 -32.46
N PRO A 510 15.03 23.81 -27.00
CA PRO A 510 15.70 23.49 -25.70
C PRO A 510 16.82 22.45 -25.87
N ASN A 511 17.96 22.86 -26.44
CA ASN A 511 19.00 21.91 -26.90
C ASN A 511 20.38 22.17 -26.29
N GLN A 512 20.51 23.26 -25.49
CA GLN A 512 21.74 23.59 -24.75
C GLN A 512 21.60 23.14 -23.29
N THR A 513 22.64 22.53 -22.77
CA THR A 513 22.73 22.17 -21.39
C THR A 513 23.90 22.92 -20.82
N ARG A 514 23.76 23.42 -19.61
CA ARG A 514 24.96 23.78 -18.89
C ARG A 514 25.04 23.28 -17.48
N ILE A 515 26.26 23.18 -16.99
CA ILE A 515 26.49 22.82 -15.61
C ILE A 515 27.19 23.98 -14.96
N ILE A 516 26.55 24.58 -13.98
CA ILE A 516 27.05 25.81 -13.42
C ILE A 516 27.26 25.69 -11.91
N TYR A 517 28.11 26.56 -11.38
CA TYR A 517 28.15 26.77 -9.97
C TYR A 517 27.26 27.94 -9.58
N VAL A 518 26.54 27.79 -8.49
CA VAL A 518 25.74 28.88 -7.99
C VAL A 518 26.64 29.91 -7.31
N SER A 519 26.43 31.18 -7.65
CA SER A 519 27.24 32.27 -7.10
C SER A 519 26.44 33.15 -6.12
N MET B 21 15.87 -6.69 -16.85
CA MET B 21 14.51 -6.14 -16.83
C MET B 21 14.34 -5.33 -15.53
N SER B 22 13.13 -5.01 -15.17
CA SER B 22 12.93 -4.15 -14.06
C SER B 22 11.50 -4.28 -13.63
N GLN B 23 11.20 -3.86 -12.43
CA GLN B 23 9.78 -3.82 -11.99
C GLN B 23 8.94 -2.93 -12.93
N LEU B 24 9.51 -1.82 -13.32
CA LEU B 24 8.82 -0.89 -14.22
C LEU B 24 8.40 -1.57 -15.53
N ALA B 25 9.35 -2.26 -16.17
CA ALA B 25 9.09 -2.93 -17.44
C ALA B 25 8.14 -4.11 -17.25
N HIS B 26 8.26 -4.82 -16.15
CA HIS B 26 7.29 -5.84 -15.76
C HIS B 26 5.89 -5.25 -15.68
N ASN B 27 5.75 -4.14 -14.96
CA ASN B 27 4.44 -3.45 -14.90
C ASN B 27 3.80 -3.13 -16.25
N VAL B 28 4.54 -2.47 -17.13
CA VAL B 28 3.95 -1.98 -18.36
C VAL B 28 3.55 -3.10 -19.32
N ASN B 29 4.13 -4.29 -19.14
CA ASN B 29 3.86 -5.45 -20.01
C ASN B 29 2.86 -6.40 -19.39
N LEU B 30 2.39 -6.06 -18.22
CA LEU B 30 1.48 -6.90 -17.47
C LEU B 30 0.05 -6.81 -18.04
N SER B 31 -0.60 -7.96 -18.18
CA SER B 31 -2.05 -8.00 -18.41
C SER B 31 -2.83 -8.53 -17.22
N ILE B 32 -3.59 -7.67 -16.55
CA ILE B 32 -4.33 -8.13 -15.36
C ILE B 32 -5.44 -9.13 -15.66
N PHE B 33 -5.88 -9.21 -16.91
CA PHE B 33 -6.98 -10.09 -17.28
C PHE B 33 -6.55 -11.48 -17.79
N GLU B 34 -5.27 -11.68 -18.05
CA GLU B 34 -4.76 -13.02 -18.31
C GLU B 34 -4.92 -13.81 -17.03
N PRO B 35 -5.17 -15.12 -17.15
CA PRO B 35 -5.12 -16.02 -15.98
C PRO B 35 -3.71 -16.09 -15.37
N ILE B 36 -3.63 -16.42 -14.08
CA ILE B 36 -2.34 -16.56 -13.41
C ILE B 36 -1.89 -18.01 -13.38
N SER B 37 -0.68 -18.24 -13.86
CA SER B 37 -0.15 -19.60 -13.98
C SER B 37 0.73 -19.98 -12.78
N HIS B 38 0.97 -19.01 -11.89
CA HIS B 38 1.88 -19.21 -10.79
C HIS B 38 1.23 -19.97 -9.66
N HIS B 39 2.05 -20.46 -8.75
CA HIS B 39 1.57 -21.18 -7.58
C HIS B 39 1.96 -20.39 -6.38
N ARG B 40 1.09 -20.30 -5.39
CA ARG B 40 1.28 -19.39 -4.28
C ARG B 40 2.58 -19.67 -3.51
N ALA B 41 3.44 -18.63 -3.41
CA ALA B 41 4.69 -18.70 -2.66
C ALA B 41 4.55 -18.14 -1.26
N ASN B 42 3.72 -17.11 -1.09
CA ASN B 42 3.57 -16.54 0.25
C ASN B 42 2.72 -17.43 1.17
N ARG B 43 2.97 -17.34 2.46
CA ARG B 43 2.32 -18.18 3.47
C ARG B 43 1.36 -17.41 4.43
N ILE B 44 0.32 -18.10 4.90
CA ILE B 44 -0.68 -17.46 5.72
C ILE B 44 -0.69 -18.04 7.15
N VAL B 45 -0.52 -17.16 8.12
CA VAL B 45 -0.59 -17.50 9.53
C VAL B 45 -1.98 -17.13 10.04
N CYS B 46 -2.68 -18.10 10.64
CA CYS B 46 -4.03 -17.86 11.19
C CYS B 46 -4.05 -17.98 12.68
N THR B 47 -4.70 -17.02 13.34
CA THR B 47 -4.97 -17.11 14.76
C THR B 47 -6.21 -17.94 14.98
N ILE B 48 -6.09 -18.94 15.84
CA ILE B 48 -7.20 -19.80 16.22
C ILE B 48 -7.92 -19.17 17.38
N GLY B 49 -9.25 -19.31 17.38
CA GLY B 49 -10.10 -18.90 18.49
C GLY B 49 -11.44 -19.64 18.36
N PRO B 50 -12.50 -19.07 18.95
CA PRO B 50 -13.79 -19.72 18.94
C PRO B 50 -14.37 -20.02 17.55
N SER B 51 -14.09 -19.17 16.56
CA SER B 51 -14.58 -19.37 15.19
C SER B 51 -13.96 -20.63 14.50
N THR B 52 -12.84 -21.11 15.02
CA THR B 52 -11.99 -21.96 14.23
C THR B 52 -11.28 -23.03 15.03
N GLN B 53 -11.65 -23.19 16.31
CA GLN B 53 -10.93 -24.13 17.15
C GLN B 53 -11.35 -25.61 16.95
N SER B 54 -12.55 -25.82 16.40
CA SER B 54 -13.03 -27.16 16.18
C SER B 54 -12.25 -27.88 15.06
N VAL B 55 -12.14 -29.20 15.17
CA VAL B 55 -11.42 -29.98 14.18
C VAL B 55 -11.92 -29.61 12.79
N GLU B 56 -13.22 -29.46 12.67
CA GLU B 56 -13.87 -29.31 11.39
C GLU B 56 -13.52 -27.93 10.78
N ALA B 57 -13.39 -26.93 11.64
CA ALA B 57 -13.09 -25.60 11.17
C ALA B 57 -11.60 -25.51 10.84
N LEU B 58 -10.78 -26.26 11.56
CA LEU B 58 -9.37 -26.27 11.27
C LEU B 58 -9.13 -26.89 9.92
N LYS B 59 -9.93 -27.88 9.57
CA LYS B 59 -9.79 -28.50 8.27
C LYS B 59 -10.21 -27.54 7.19
N GLY B 60 -11.25 -26.77 7.47
CA GLY B 60 -11.61 -25.62 6.63
C GLY B 60 -10.44 -24.66 6.41
N LEU B 61 -9.82 -24.20 7.51
CA LEU B 61 -8.67 -23.30 7.41
C LEU B 61 -7.51 -23.90 6.61
N ILE B 62 -7.12 -25.12 6.94
CA ILE B 62 -6.10 -25.77 6.16
C ILE B 62 -6.47 -25.82 4.68
N ARG B 63 -7.70 -26.23 4.36
CA ARG B 63 -8.09 -26.36 2.97
C ARG B 63 -8.12 -24.97 2.32
N SER B 64 -8.40 -23.95 3.13
CA SER B 64 -8.50 -22.59 2.63
C SER B 64 -7.13 -21.98 2.39
N GLY B 65 -6.10 -22.50 3.05
CA GLY B 65 -4.73 -22.05 2.81
C GLY B 65 -3.91 -21.60 4.02
N MET B 66 -4.32 -22.00 5.23
CA MET B 66 -3.47 -21.80 6.41
C MET B 66 -2.22 -22.67 6.33
N SER B 67 -1.04 -22.06 6.54
CA SER B 67 0.19 -22.83 6.79
C SER B 67 0.60 -22.91 8.28
N VAL B 68 0.30 -21.87 9.04
CA VAL B 68 0.69 -21.80 10.42
C VAL B 68 -0.53 -21.49 11.28
N ALA B 69 -0.70 -22.24 12.38
CA ALA B 69 -1.71 -21.93 13.42
C ALA B 69 -1.11 -21.15 14.60
N ARG B 70 -1.66 -19.97 14.85
CA ARG B 70 -1.16 -19.08 15.91
C ARG B 70 -2.00 -19.21 17.15
N MET B 71 -1.39 -19.70 18.23
CA MET B 71 -2.01 -19.67 19.56
C MET B 71 -1.64 -18.37 20.21
N ASN B 72 -2.64 -17.51 20.36
CA ASN B 72 -2.52 -16.24 21.05
C ASN B 72 -2.65 -16.41 22.56
N PHE B 73 -1.51 -16.33 23.25
CA PHE B 73 -1.47 -16.63 24.68
C PHE B 73 -1.72 -15.39 25.57
N SER B 74 -2.25 -14.32 25.00
CA SER B 74 -2.77 -13.22 25.82
C SER B 74 -4.04 -13.69 26.50
N HIS B 75 -4.70 -14.64 25.85
CA HIS B 75 -6.04 -15.04 26.24
C HIS B 75 -6.09 -16.50 26.30
N GLY B 76 -7.03 -17.03 27.09
CA GLY B 76 -7.22 -18.47 27.20
C GLY B 76 -6.24 -19.11 28.15
N SER B 77 -6.67 -20.21 28.78
CA SER B 77 -5.81 -20.98 29.65
C SER B 77 -5.11 -22.09 28.87
N HIS B 78 -4.24 -22.81 29.56
CA HIS B 78 -3.59 -23.99 29.01
C HIS B 78 -4.53 -25.04 28.47
N GLU B 79 -5.63 -25.29 29.17
CA GLU B 79 -6.62 -26.29 28.71
C GLU B 79 -7.18 -25.88 27.36
N TYR B 80 -7.43 -24.58 27.22
CA TYR B 80 -8.04 -24.04 26.03
C TYR B 80 -7.10 -24.20 24.85
N HIS B 81 -5.82 -23.95 25.09
CA HIS B 81 -4.81 -24.10 24.06
C HIS B 81 -4.46 -25.54 23.77
N GLN B 82 -4.61 -26.40 24.77
CA GLN B 82 -4.38 -27.83 24.58
C GLN B 82 -5.39 -28.40 23.60
N THR B 83 -6.61 -27.90 23.69
CA THR B 83 -7.68 -28.24 22.76
C THR B 83 -7.31 -27.81 21.33
N THR B 84 -6.78 -26.59 21.20
CA THR B 84 -6.23 -26.13 19.93
C THR B 84 -5.22 -27.13 19.35
N ILE B 85 -4.28 -27.56 20.19
CA ILE B 85 -3.14 -28.35 19.75
C ILE B 85 -3.63 -29.74 19.35
N ASN B 86 -4.51 -30.29 20.17
CA ASN B 86 -5.03 -31.62 19.91
C ASN B 86 -5.90 -31.61 18.69
N ASN B 87 -6.72 -30.58 18.56
CA ASN B 87 -7.59 -30.48 17.39
C ASN B 87 -6.80 -30.23 16.10
N LEU B 88 -5.75 -29.42 16.19
CA LEU B 88 -4.96 -29.10 15.05
C LEU B 88 -4.27 -30.34 14.50
N ARG B 89 -3.72 -31.16 15.38
CA ARG B 89 -3.03 -32.39 14.96
C ARG B 89 -4.00 -33.48 14.51
N ALA B 90 -5.22 -33.46 15.03
CA ALA B 90 -6.25 -34.31 14.44
C ALA B 90 -6.62 -33.83 13.04
N ALA B 91 -6.86 -32.55 12.91
CA ALA B 91 -7.20 -31.99 11.62
C ALA B 91 -6.09 -32.18 10.56
N ALA B 92 -4.82 -31.99 10.96
CA ALA B 92 -3.69 -31.98 9.97
C ALA B 92 -3.41 -33.37 9.48
N THR B 93 -3.51 -34.34 10.38
CA THR B 93 -3.30 -35.77 10.07
C THR B 93 -4.36 -36.32 9.12
N GLU B 94 -5.62 -35.94 9.33
CA GLU B 94 -6.68 -36.28 8.39
C GLU B 94 -6.37 -35.82 6.95
N LEU B 95 -5.87 -34.59 6.78
CA LEU B 95 -5.65 -34.02 5.44
C LEU B 95 -4.20 -34.24 4.96
N GLY B 96 -3.41 -34.99 5.75
CA GLY B 96 -1.99 -35.19 5.46
C GLY B 96 -1.18 -33.90 5.26
N ALA B 97 -1.47 -32.89 6.09
CA ALA B 97 -0.80 -31.57 5.97
C ALA B 97 0.23 -31.34 7.07
N HIS B 98 1.31 -30.63 6.73
CA HIS B 98 2.25 -30.12 7.72
C HIS B 98 1.90 -28.71 8.10
N ILE B 99 1.47 -28.51 9.34
CA ILE B 99 1.07 -27.17 9.80
C ILE B 99 1.97 -26.69 10.93
N GLY B 100 2.58 -25.52 10.75
CA GLY B 100 3.36 -24.87 11.81
C GLY B 100 2.49 -24.54 12.98
N LEU B 101 2.99 -24.81 14.17
CA LEU B 101 2.28 -24.50 15.39
C LEU B 101 3.07 -23.45 16.17
N ALA B 102 2.46 -22.30 16.38
CA ALA B 102 3.19 -21.13 16.93
C ALA B 102 2.60 -20.66 18.24
N LEU B 103 3.47 -20.47 19.23
CA LEU B 103 3.07 -19.86 20.48
C LEU B 103 3.40 -18.36 20.49
N ASP B 104 2.38 -17.54 20.65
CA ASP B 104 2.57 -16.11 20.71
C ASP B 104 2.37 -15.66 22.14
N THR B 105 3.46 -15.18 22.75
CA THR B 105 3.49 -14.85 24.15
C THR B 105 2.70 -13.59 24.47
N LYS B 106 2.21 -13.53 25.69
CA LYS B 106 1.58 -12.33 26.22
C LYS B 106 2.61 -11.22 26.38
N GLY B 107 3.73 -11.55 27.00
CA GLY B 107 4.78 -10.58 27.24
C GLY B 107 4.51 -9.68 28.43
N PRO B 108 5.49 -8.81 28.76
CA PRO B 108 5.33 -7.77 29.77
C PRO B 108 4.26 -6.75 29.37
N GLU B 109 3.76 -5.99 30.33
CA GLU B 109 2.54 -5.22 30.13
C GLU B 109 2.50 -4.02 31.10
N ILE B 110 2.39 -2.80 30.54
CA ILE B 110 2.13 -1.62 31.38
C ILE B 110 0.65 -1.20 31.39
N ARG B 111 -0.02 -1.40 32.52
CA ARG B 111 -1.42 -1.03 32.70
C ARG B 111 -1.57 0.03 33.80
N THR B 112 -2.68 0.76 33.78
CA THR B 112 -3.00 1.69 34.87
C THR B 112 -3.65 0.94 36.01
N GLY B 113 -3.83 1.62 37.14
CA GLY B 113 -4.61 1.06 38.22
C GLY B 113 -6.08 1.35 38.01
N LEU B 114 -6.85 1.30 39.10
CA LEU B 114 -8.31 1.52 39.08
C LEU B 114 -8.64 3.00 39.33
N PHE B 115 -9.80 3.42 38.85
CA PHE B 115 -10.29 4.76 39.12
C PHE B 115 -11.46 4.73 40.06
N LYS B 116 -11.58 5.75 40.88
CA LYS B 116 -12.83 5.94 41.61
C LYS B 116 -13.93 6.29 40.60
N ASP B 117 -15.05 5.59 40.72
CA ASP B 117 -16.20 5.83 39.86
C ASP B 117 -16.03 5.15 38.52
N GLY B 118 -15.03 4.30 38.39
CA GLY B 118 -14.88 3.43 37.22
C GLY B 118 -14.14 4.05 36.05
N GLY B 119 -14.04 5.38 36.05
CA GLY B 119 -13.22 6.10 35.08
C GLY B 119 -13.19 7.59 35.36
N ILE B 120 -12.37 8.31 34.59
CA ILE B 120 -12.24 9.78 34.76
C ILE B 120 -12.25 10.45 33.41
N ALA B 121 -12.82 11.66 33.34
CA ALA B 121 -12.84 12.42 32.08
C ALA B 121 -11.70 13.46 31.99
N LEU B 122 -10.73 13.21 31.13
CA LEU B 122 -9.59 14.12 30.97
C LEU B 122 -9.75 15.04 29.74
N ALA B 123 -9.74 16.35 30.00
CA ALA B 123 -9.84 17.34 28.94
C ALA B 123 -8.46 17.93 28.59
N PRO B 124 -8.28 18.32 27.32
CA PRO B 124 -6.99 18.84 26.84
C PRO B 124 -6.65 20.14 27.54
N GLY B 125 -5.41 20.27 28.02
CA GLY B 125 -5.02 21.45 28.80
C GLY B 125 -5.06 21.18 30.29
N ASP B 126 -5.68 20.06 30.65
CA ASP B 126 -5.61 19.54 32.01
C ASP B 126 -4.19 19.07 32.28
N THR B 127 -3.78 19.16 33.54
CA THR B 127 -2.61 18.42 33.99
C THR B 127 -3.04 17.34 34.97
N VAL B 128 -2.30 16.25 34.98
CA VAL B 128 -2.60 15.11 35.85
C VAL B 128 -1.28 14.52 36.38
N LEU B 129 -1.30 14.02 37.60
CA LEU B 129 -0.12 13.39 38.16
C LEU B 129 -0.23 11.89 37.98
N VAL B 130 0.76 11.29 37.33
CA VAL B 130 0.81 9.83 37.22
C VAL B 130 1.92 9.32 38.12
N THR B 131 1.65 8.25 38.83
CA THR B 131 2.56 7.79 39.85
C THR B 131 2.73 6.29 39.76
N SER B 132 3.95 5.83 40.05
CA SER B 132 4.24 4.41 40.13
C SER B 132 4.20 3.98 41.57
N ASP B 133 3.54 4.77 42.42
CA ASP B 133 3.41 4.44 43.85
C ASP B 133 2.23 3.53 44.09
N PRO B 134 2.51 2.26 44.45
CA PRO B 134 1.53 1.20 44.68
C PRO B 134 0.34 1.57 45.60
N ALA B 135 0.46 2.65 46.35
CA ALA B 135 -0.62 3.09 47.27
C ALA B 135 -1.78 3.81 46.55
N PHE B 136 -1.61 4.08 45.27
CA PHE B 136 -2.65 4.79 44.51
C PHE B 136 -3.35 3.88 43.48
N GLU B 137 -2.85 2.66 43.38
CA GLU B 137 -3.38 1.63 42.48
C GLU B 137 -4.91 1.56 42.41
N LYS B 138 -5.58 1.74 43.54
CA LYS B 138 -7.02 1.49 43.60
C LYS B 138 -7.84 2.76 43.78
N ILE B 139 -7.19 3.93 43.77
CA ILE B 139 -7.88 5.18 44.04
C ILE B 139 -7.61 6.31 43.03
N GLY B 140 -7.30 5.95 41.79
CA GLY B 140 -7.09 6.94 40.75
C GLY B 140 -8.19 7.98 40.74
N THR B 141 -7.80 9.25 40.63
CA THR B 141 -8.74 10.35 40.39
C THR B 141 -8.32 11.16 39.16
N LYS B 142 -9.13 12.14 38.82
CA LYS B 142 -8.76 13.15 37.80
C LYS B 142 -7.39 13.79 38.10
N GLU B 143 -7.01 13.81 39.38
CA GLU B 143 -5.80 14.52 39.82
C GLU B 143 -4.53 13.65 39.72
N LYS B 144 -4.69 12.37 39.98
CA LYS B 144 -3.57 11.50 40.24
C LYS B 144 -4.03 10.05 40.14
N PHE B 145 -3.30 9.25 39.36
CA PHE B 145 -3.60 7.84 39.27
C PHE B 145 -2.36 6.99 39.06
N TYR B 146 -2.51 5.69 39.27
CA TYR B 146 -1.39 4.74 39.29
C TYR B 146 -1.05 4.19 37.88
N ILE B 147 0.24 4.06 37.59
CA ILE B 147 0.71 3.27 36.44
C ILE B 147 1.73 2.26 36.93
N GLU B 148 1.48 0.98 36.66
CA GLU B 148 2.39 -0.11 37.07
C GLU B 148 3.65 -0.11 36.22
N TYR B 149 4.69 0.54 36.71
CA TYR B 149 6.00 0.56 36.05
C TYR B 149 6.99 1.38 36.89
N PRO B 150 7.69 0.73 37.83
CA PRO B 150 8.45 1.42 38.88
C PRO B 150 9.55 2.40 38.40
N ARG B 151 10.17 2.14 37.26
CA ARG B 151 11.22 3.03 36.77
C ARG B 151 10.65 4.14 35.85
N LEU B 152 9.41 4.52 36.12
CA LEU B 152 8.71 5.52 35.33
C LEU B 152 9.43 6.87 35.29
N SER B 153 9.81 7.34 36.48
CA SER B 153 10.44 8.65 36.64
C SER B 153 11.84 8.66 36.05
N ILE B 154 12.39 7.48 35.85
CA ILE B 154 13.73 7.36 35.34
C ILE B 154 13.74 7.34 33.81
N THR B 155 12.80 6.61 33.21
CA THR B 155 12.90 6.35 31.78
C THR B 155 12.05 7.30 30.91
N VAL B 156 11.06 7.93 31.52
CA VAL B 156 10.36 9.04 30.86
C VAL B 156 10.81 10.39 31.41
N ARG B 157 11.34 11.24 30.55
CA ARG B 157 11.86 12.53 30.97
C ARG B 157 10.90 13.64 30.61
N PRO B 158 11.00 14.79 31.27
CA PRO B 158 10.25 15.95 30.80
C PRO B 158 10.34 16.07 29.27
N GLY B 159 9.24 16.43 28.62
CA GLY B 159 9.19 16.50 27.14
C GLY B 159 8.87 15.17 26.47
N GLY B 160 9.13 14.07 27.18
CA GLY B 160 8.70 12.73 26.77
C GLY B 160 7.19 12.55 26.85
N PHE B 161 6.69 11.49 26.22
CA PHE B 161 5.23 11.25 26.04
C PHE B 161 4.82 9.90 26.64
N ILE B 162 3.58 9.85 27.15
CA ILE B 162 2.99 8.61 27.60
C ILE B 162 1.66 8.46 26.89
N TYR B 163 1.48 7.31 26.20
CA TYR B 163 0.22 7.01 25.54
C TYR B 163 -0.54 5.96 26.36
N ILE B 164 -1.84 6.18 26.52
CA ILE B 164 -2.68 5.24 27.24
C ILE B 164 -3.90 4.81 26.41
N ASP B 165 -4.29 3.54 26.58
CA ASP B 165 -5.52 2.98 26.02
C ASP B 165 -5.46 2.88 24.51
N ASP B 166 -4.57 2.00 24.03
CA ASP B 166 -4.39 1.79 22.60
C ASP B 166 -3.88 3.08 21.92
N GLY B 167 -3.24 3.96 22.70
CA GLY B 167 -2.57 5.13 22.16
C GLY B 167 -3.45 6.34 21.94
N VAL B 168 -4.67 6.31 22.46
CA VAL B 168 -5.64 7.34 22.14
C VAL B 168 -5.50 8.54 23.08
N LEU B 169 -5.13 8.25 24.33
CA LEU B 169 -4.78 9.30 25.26
C LEU B 169 -3.30 9.63 25.17
N SER B 170 -3.01 10.88 24.83
CA SER B 170 -1.65 11.39 24.78
C SER B 170 -1.35 12.33 25.96
N LEU B 171 -0.27 12.01 26.68
CA LEU B 171 0.23 12.84 27.77
C LEU B 171 1.66 13.30 27.50
N LYS B 172 1.89 14.61 27.56
CA LYS B 172 3.25 15.18 27.59
C LYS B 172 3.76 15.31 29.05
N VAL B 173 4.93 14.74 29.34
CA VAL B 173 5.50 14.88 30.69
C VAL B 173 6.10 16.26 30.85
N LEU B 174 5.59 16.99 31.84
CA LEU B 174 6.07 18.30 32.14
C LEU B 174 7.28 18.26 33.10
N SER B 175 7.20 17.41 34.13
CA SER B 175 8.23 17.39 35.16
C SER B 175 8.09 16.19 36.08
N LYS B 176 9.21 15.88 36.74
CA LYS B 176 9.25 14.90 37.80
C LYS B 176 8.96 15.60 39.14
N GLU B 177 7.92 15.14 39.84
CA GLU B 177 7.49 15.74 41.10
C GLU B 177 8.22 15.10 42.25
N ASP B 178 8.30 13.77 42.23
CA ASP B 178 9.22 13.04 43.07
C ASP B 178 9.64 11.81 42.33
N GLU B 179 10.22 10.85 43.02
CA GLU B 179 10.76 9.70 42.32
C GLU B 179 9.62 8.79 41.82
N TYR B 180 8.44 8.94 42.43
CA TYR B 180 7.25 8.16 42.09
C TYR B 180 6.39 8.81 41.01
N THR B 181 6.54 10.12 40.83
CA THR B 181 5.44 10.92 40.32
C THR B 181 5.85 11.91 39.24
N LEU B 182 5.13 11.85 38.12
CA LEU B 182 5.33 12.78 37.01
C LEU B 182 4.12 13.67 36.84
N LYS B 183 4.36 14.96 36.60
CA LYS B 183 3.28 15.86 36.23
C LYS B 183 3.14 15.92 34.72
N CYS B 184 1.95 15.56 34.23
CA CYS B 184 1.67 15.42 32.79
C CYS B 184 0.63 16.39 32.29
N TYR B 185 0.80 16.76 31.03
CA TYR B 185 -0.13 17.66 30.34
C TYR B 185 -1.03 16.80 29.46
N VAL B 186 -2.34 16.98 29.59
CA VAL B 186 -3.30 16.27 28.75
C VAL B 186 -3.44 16.98 27.42
N ASN B 187 -3.10 16.26 26.35
CA ASN B 187 -3.18 16.77 24.99
C ASN B 187 -4.59 16.70 24.37
N ASN B 188 -5.37 15.71 24.77
CA ASN B 188 -6.62 15.42 24.07
C ASN B 188 -7.65 14.75 24.96
N ALA B 189 -8.91 15.08 24.72
CA ALA B 189 -10.02 14.60 25.54
C ALA B 189 -10.13 13.08 25.47
N HIS B 190 -10.38 12.45 26.62
CA HIS B 190 -10.54 11.00 26.70
C HIS B 190 -11.12 10.57 28.02
N PHE B 191 -12.01 9.58 27.99
CA PHE B 191 -12.49 8.94 29.20
C PHE B 191 -11.67 7.70 29.49
N LEU B 192 -11.04 7.68 30.65
CA LEU B 192 -10.08 6.64 30.99
C LEU B 192 -10.64 5.71 32.07
N THR B 193 -10.57 4.41 31.83
CA THR B 193 -11.16 3.40 32.71
C THR B 193 -10.12 2.43 33.34
N ASP B 194 -10.56 1.70 34.38
CA ASP B 194 -9.74 0.70 35.09
C ASP B 194 -8.78 -0.09 34.17
N ARG B 195 -7.50 -0.05 34.50
CA ARG B 195 -6.48 -0.96 33.96
C ARG B 195 -6.38 -0.98 32.45
N LYS B 196 -6.19 0.19 31.86
CA LYS B 196 -5.93 0.30 30.43
C LYS B 196 -4.43 0.28 30.14
N GLY B 197 -4.05 -0.14 28.93
CA GLY B 197 -2.64 -0.34 28.58
C GLY B 197 -1.91 0.97 28.32
N CYS B 198 -0.66 1.06 28.78
CA CYS B 198 0.17 2.26 28.59
C CYS B 198 1.34 1.98 27.66
N ASN B 199 1.72 2.99 26.86
CA ASN B 199 2.92 2.91 26.02
C ASN B 199 3.84 4.09 26.26
N LEU B 200 5.14 3.89 26.08
CA LEU B 200 6.15 4.93 26.37
C LEU B 200 7.01 5.23 25.14
N PRO B 201 6.48 6.03 24.22
CA PRO B 201 7.11 6.19 22.88
C PRO B 201 8.50 6.78 22.95
N GLY B 202 9.43 6.17 22.24
CA GLY B 202 10.79 6.67 22.21
C GLY B 202 11.68 6.14 23.32
N CYS B 203 11.05 5.64 24.38
CA CYS B 203 11.76 5.31 25.62
C CYS B 203 12.41 3.91 25.59
N GLU B 204 13.51 3.76 26.31
CA GLU B 204 14.01 2.45 26.66
C GLU B 204 13.22 1.85 27.84
N VAL B 205 12.25 1.03 27.51
CA VAL B 205 11.33 0.45 28.48
C VAL B 205 12.01 -0.70 29.24
N ASP B 206 11.97 -0.64 30.57
CA ASP B 206 12.82 -1.51 31.40
C ASP B 206 12.06 -2.73 31.92
N LEU B 207 11.37 -3.40 31.02
CA LEU B 207 10.61 -4.58 31.38
C LEU B 207 11.39 -5.83 30.97
N PRO B 208 11.13 -6.98 31.63
CA PRO B 208 11.90 -8.16 31.29
C PRO B 208 11.49 -8.71 29.91
N ALA B 209 12.40 -9.44 29.24
CA ALA B 209 12.07 -10.11 27.97
C ALA B 209 10.87 -11.02 28.13
N VAL B 210 10.83 -11.74 29.24
CA VAL B 210 9.78 -12.71 29.45
C VAL B 210 9.18 -12.50 30.83
N SER B 211 7.86 -12.34 30.86
CA SER B 211 7.15 -12.25 32.13
C SER B 211 7.14 -13.61 32.81
N GLU B 212 6.69 -13.65 34.06
CA GLU B 212 6.62 -14.90 34.78
CA GLU B 212 6.58 -14.88 34.84
C GLU B 212 5.60 -15.85 34.15
N LYS B 213 4.46 -15.31 33.73
CA LYS B 213 3.46 -16.09 33.04
C LYS B 213 3.95 -16.54 31.65
N ASP B 214 4.93 -15.82 31.10
CA ASP B 214 5.54 -16.19 29.81
C ASP B 214 6.37 -17.48 29.95
N ARG B 215 7.10 -17.60 31.06
CA ARG B 215 7.91 -18.81 31.34
C ARG B 215 7.06 -20.07 31.48
N GLU B 216 5.89 -19.93 32.09
CA GLU B 216 4.95 -21.03 32.21
C GLU B 216 4.30 -21.39 30.88
N ASP B 217 4.04 -20.36 30.06
CA ASP B 217 3.59 -20.58 28.68
C ASP B 217 4.65 -21.29 27.82
N LEU B 218 5.88 -20.80 27.87
CA LEU B 218 6.96 -21.39 27.12
C LEU B 218 7.12 -22.84 27.51
N LYS B 219 7.25 -23.08 28.80
CA LYS B 219 7.30 -24.42 29.42
C LYS B 219 6.24 -25.39 28.87
N PHE B 220 4.98 -24.97 28.93
CA PHE B 220 3.88 -25.71 28.30
C PHE B 220 4.19 -25.94 26.83
N GLY B 221 4.68 -24.90 26.16
CA GLY B 221 4.95 -24.97 24.75
C GLY B 221 5.94 -26.05 24.39
N VAL B 222 7.06 -26.09 25.12
CA VAL B 222 8.13 -27.04 24.82
C VAL B 222 7.66 -28.46 25.13
N GLU B 223 6.85 -28.60 26.16
CA GLU B 223 6.25 -29.89 26.49
C GLU B 223 5.48 -30.43 25.29
N GLN B 224 4.73 -29.55 24.64
CA GLN B 224 3.80 -29.94 23.61
C GLN B 224 4.45 -29.98 22.25
N GLY B 225 5.75 -29.68 22.19
CA GLY B 225 6.48 -29.68 20.93
C GLY B 225 5.95 -28.68 19.91
N ILE B 226 5.84 -27.41 20.30
CA ILE B 226 5.54 -26.36 19.35
C ILE B 226 6.69 -26.16 18.35
N ASP B 227 6.41 -25.47 17.26
CA ASP B 227 7.40 -25.29 16.20
C ASP B 227 8.13 -23.97 16.30
N MET B 228 7.45 -22.97 16.80
CA MET B 228 8.01 -21.63 16.84
C MET B 228 7.36 -20.82 17.97
N VAL B 229 8.11 -19.83 18.45
CA VAL B 229 7.59 -18.86 19.38
C VAL B 229 7.49 -17.50 18.69
N PHE B 230 6.34 -16.83 18.84
CA PHE B 230 6.22 -15.40 18.50
C PHE B 230 6.44 -14.57 19.76
N ALA B 231 7.63 -13.99 19.89
CA ALA B 231 8.07 -13.42 21.15
C ALA B 231 7.72 -11.94 21.18
N SER B 232 6.83 -11.56 22.11
CA SER B 232 6.28 -10.21 22.12
C SER B 232 7.30 -9.14 22.52
N PHE B 233 7.13 -7.94 21.98
CA PHE B 233 7.74 -6.74 22.53
C PHE B 233 9.26 -6.93 22.73
N ILE B 234 9.92 -7.51 21.73
CA ILE B 234 11.37 -7.65 21.73
C ILE B 234 12.06 -6.32 21.36
N ARG B 235 12.96 -5.84 22.23
CA ARG B 235 13.59 -4.52 22.05
C ARG B 235 15.10 -4.55 21.82
N THR B 236 15.75 -5.68 22.18
CA THR B 236 17.22 -5.81 22.11
C THR B 236 17.60 -7.25 21.73
N ALA B 237 18.80 -7.44 21.19
CA ALA B 237 19.34 -8.80 20.99
C ALA B 237 19.39 -9.64 22.29
N GLU B 238 19.76 -9.00 23.40
CA GLU B 238 19.92 -9.72 24.67
C GLU B 238 18.60 -10.30 25.12
N GLN B 239 17.51 -9.58 24.83
CA GLN B 239 16.19 -10.07 25.17
C GLN B 239 15.83 -11.35 24.37
N VAL B 240 16.31 -11.42 23.14
CA VAL B 240 16.09 -12.61 22.32
C VAL B 240 16.81 -13.78 22.98
N GLN B 241 17.98 -13.48 23.51
CA GLN B 241 18.79 -14.48 24.20
C GLN B 241 18.10 -14.99 25.45
N GLU B 242 17.44 -14.11 26.17
CA GLU B 242 16.66 -14.51 27.34
C GLU B 242 15.53 -15.48 27.00
N VAL B 243 14.92 -15.29 25.82
CA VAL B 243 13.85 -16.15 25.36
C VAL B 243 14.45 -17.49 24.96
N ARG B 244 15.63 -17.43 24.36
CA ARG B 244 16.41 -18.60 24.01
C ARG B 244 16.73 -19.42 25.28
N GLU B 245 17.25 -18.75 26.32
CA GLU B 245 17.52 -19.39 27.62
C GLU B 245 16.28 -20.06 28.25
N ALA B 246 15.14 -19.38 28.19
CA ALA B 246 13.89 -19.88 28.78
C ALA B 246 13.33 -21.16 28.12
N LEU B 247 13.66 -21.36 26.85
CA LEU B 247 13.22 -22.58 26.16
C LEU B 247 14.21 -23.68 26.51
N GLY B 248 15.39 -23.27 26.95
CA GLY B 248 16.41 -24.18 27.41
C GLY B 248 16.79 -25.28 26.43
N GLU B 249 17.46 -26.28 26.96
CA GLU B 249 18.04 -27.34 26.20
C GLU B 249 16.97 -28.09 25.42
N LYS B 250 15.91 -28.48 26.12
CA LYS B 250 14.81 -29.20 25.52
C LYS B 250 14.19 -28.44 24.30
N GLY B 251 14.15 -27.12 24.37
CA GLY B 251 13.46 -26.32 23.37
C GLY B 251 14.40 -25.67 22.37
N LYS B 252 15.60 -26.24 22.24
CA LYS B 252 16.67 -25.60 21.50
C LYS B 252 16.40 -25.46 19.98
N ASP B 253 15.50 -26.29 19.46
CA ASP B 253 15.23 -26.33 18.03
C ASP B 253 13.96 -25.56 17.66
N ILE B 254 13.31 -24.99 18.65
CA ILE B 254 12.12 -24.21 18.40
C ILE B 254 12.53 -22.86 17.81
N LEU B 255 11.94 -22.48 16.68
CA LEU B 255 12.20 -21.17 16.07
C LEU B 255 11.72 -20.01 16.95
N ILE B 256 12.58 -18.99 17.12
CA ILE B 256 12.18 -17.72 17.73
C ILE B 256 11.96 -16.61 16.70
N ILE B 257 10.75 -16.07 16.68
CA ILE B 257 10.39 -15.01 15.75
C ILE B 257 10.12 -13.76 16.56
N SER B 258 11.00 -12.78 16.47
CA SER B 258 10.94 -11.65 17.37
C SER B 258 9.94 -10.61 16.90
N LYS B 259 9.03 -10.21 17.79
CA LYS B 259 8.04 -9.20 17.44
C LYS B 259 8.56 -7.78 17.67
N ILE B 260 8.58 -6.99 16.60
CA ILE B 260 9.10 -5.65 16.68
C ILE B 260 7.91 -4.71 16.87
N GLU B 261 7.84 -4.07 18.02
CA GLU B 261 6.62 -3.37 18.38
C GLU B 261 6.85 -1.91 18.71
N ASN B 262 8.12 -1.48 18.74
CA ASN B 262 8.40 -0.10 19.14
C ASN B 262 9.72 0.41 18.63
N HIS B 263 10.03 1.62 19.05
CA HIS B 263 11.09 2.41 18.50
C HIS B 263 12.42 1.75 18.75
N GLN B 264 12.65 1.32 19.99
CA GLN B 264 13.91 0.69 20.34
C GLN B 264 14.15 -0.54 19.47
N GLY B 265 13.13 -1.39 19.41
CA GLY B 265 13.17 -2.58 18.56
C GLY B 265 13.56 -2.27 17.12
N VAL B 266 12.89 -1.30 16.50
CA VAL B 266 13.23 -0.89 15.13
C VAL B 266 14.71 -0.45 15.05
N GLN B 267 15.14 0.33 16.03
CA GLN B 267 16.50 0.83 16.11
C GLN B 267 17.52 -0.31 16.23
N ASN B 268 17.17 -1.32 17.02
CA ASN B 268 18.06 -2.46 17.29
C ASN B 268 17.86 -3.61 16.29
N ILE B 269 17.24 -3.31 15.16
CA ILE B 269 16.87 -4.36 14.24
C ILE B 269 18.04 -5.28 13.78
N ASP B 270 19.24 -4.73 13.56
CA ASP B 270 20.34 -5.58 13.08
C ASP B 270 20.73 -6.68 14.09
N GLY B 271 20.87 -6.28 15.36
CA GLY B 271 21.14 -7.21 16.43
C GLY B 271 20.02 -8.22 16.59
N ILE B 272 18.79 -7.73 16.68
CA ILE B 272 17.65 -8.61 16.93
C ILE B 272 17.52 -9.66 15.85
N ILE B 273 17.72 -9.25 14.61
CA ILE B 273 17.71 -10.15 13.48
C ILE B 273 18.79 -11.22 13.59
N GLU B 274 20.01 -10.80 13.88
CA GLU B 274 21.12 -11.71 14.01
C GLU B 274 20.86 -12.75 15.11
N ALA B 275 20.21 -12.33 16.19
CA ALA B 275 19.95 -13.25 17.28
C ALA B 275 18.70 -14.15 17.04
N SER B 276 17.82 -13.74 16.15
CA SER B 276 16.53 -14.43 16.02
C SER B 276 16.53 -15.43 14.87
N ASP B 277 15.44 -16.21 14.75
CA ASP B 277 15.26 -17.03 13.55
C ASP B 277 14.45 -16.33 12.51
N GLY B 278 13.69 -15.32 12.91
CA GLY B 278 13.01 -14.44 11.99
C GLY B 278 12.31 -13.33 12.74
N ILE B 279 11.48 -12.55 12.05
CA ILE B 279 10.93 -11.29 12.57
C ILE B 279 9.45 -11.20 12.25
N MET B 280 8.69 -10.61 13.15
CA MET B 280 7.31 -10.25 12.84
C MET B 280 7.13 -8.76 12.99
N VAL B 281 6.62 -8.12 11.94
CA VAL B 281 6.38 -6.68 11.99
C VAL B 281 5.00 -6.44 12.57
N ALA B 282 4.94 -6.01 13.82
CA ALA B 282 3.68 -5.82 14.50
C ALA B 282 3.15 -4.41 14.26
N ARG B 283 2.37 -4.23 13.19
CA ARG B 283 2.07 -2.87 12.71
C ARG B 283 1.22 -2.05 13.69
N GLY B 284 0.20 -2.67 14.28
CA GLY B 284 -0.72 -1.98 15.19
C GLY B 284 -0.02 -1.43 16.42
N ASP B 285 0.86 -2.25 16.99
CA ASP B 285 1.67 -1.87 18.10
C ASP B 285 2.66 -0.80 17.72
N LEU B 286 3.40 -1.02 16.63
CA LEU B 286 4.27 0.02 16.09
C LEU B 286 3.53 1.35 15.92
N GLY B 287 2.28 1.27 15.52
CA GLY B 287 1.54 2.46 15.12
C GLY B 287 1.03 3.23 16.31
N VAL B 288 0.96 2.56 17.45
CA VAL B 288 0.66 3.24 18.67
C VAL B 288 1.76 4.26 18.96
N GLU B 289 3.01 3.85 18.75
CA GLU B 289 4.17 4.61 19.24
C GLU B 289 4.79 5.49 18.17
N ILE B 290 4.63 5.08 16.91
CA ILE B 290 5.38 5.68 15.79
C ILE B 290 4.35 6.27 14.84
N PRO B 291 4.67 7.39 14.21
CA PRO B 291 3.66 7.93 13.31
C PRO B 291 3.41 6.99 12.13
N ALA B 292 2.16 6.91 11.69
CA ALA B 292 1.74 5.90 10.73
C ALA B 292 2.62 5.81 9.45
N GLU B 293 3.10 6.96 8.96
CA GLU B 293 3.91 6.98 7.72
C GLU B 293 5.26 6.36 7.94
N LYS B 294 5.73 6.43 9.17
CA LYS B 294 7.00 5.80 9.50
C LYS B 294 6.86 4.27 9.78
N VAL B 295 5.64 3.83 10.07
CA VAL B 295 5.39 2.39 10.16
C VAL B 295 5.49 1.74 8.78
N VAL B 296 4.93 2.41 7.79
CA VAL B 296 5.03 1.99 6.41
C VAL B 296 6.49 1.84 6.03
N VAL B 297 7.31 2.83 6.33
CA VAL B 297 8.70 2.75 5.96
C VAL B 297 9.49 1.78 6.85
N ALA B 298 9.21 1.80 8.15
CA ALA B 298 9.77 0.80 9.04
C ALA B 298 9.55 -0.63 8.51
N GLN B 299 8.32 -0.95 8.08
CA GLN B 299 7.99 -2.27 7.56
C GLN B 299 8.87 -2.61 6.37
N MET B 300 9.12 -1.63 5.52
CA MET B 300 9.92 -1.87 4.33
C MET B 300 11.33 -2.25 4.76
N ILE B 301 11.87 -1.46 5.68
CA ILE B 301 13.22 -1.64 6.20
C ILE B 301 13.42 -3.00 6.87
N LEU B 302 12.49 -3.37 7.77
CA LEU B 302 12.54 -4.68 8.43
C LEU B 302 12.47 -5.87 7.45
N ILE B 303 11.50 -5.85 6.55
CA ILE B 303 11.34 -6.90 5.59
C ILE B 303 12.60 -7.03 4.74
N SER B 304 13.12 -5.90 4.24
CA SER B 304 14.27 -5.95 3.36
C SER B 304 15.52 -6.49 4.06
N LYS B 305 15.71 -6.14 5.33
CA LYS B 305 16.80 -6.69 6.15
C LYS B 305 16.66 -8.21 6.40
N CYS B 306 15.43 -8.67 6.63
CA CYS B 306 15.18 -10.12 6.74
C CYS B 306 15.45 -10.83 5.45
N ASN B 307 14.93 -10.27 4.36
CA ASN B 307 15.26 -10.71 3.03
C ASN B 307 16.77 -10.92 2.87
N VAL B 308 17.56 -9.89 3.17
CA VAL B 308 19.00 -9.97 2.98
C VAL B 308 19.61 -11.09 3.84
N ALA B 309 19.02 -11.33 5.01
CA ALA B 309 19.59 -12.26 5.97
C ALA B 309 19.12 -13.69 5.71
N GLY B 310 18.11 -13.83 4.87
CA GLY B 310 17.55 -15.12 4.59
C GLY B 310 16.83 -15.67 5.80
N LYS B 311 16.08 -14.82 6.50
CA LYS B 311 15.27 -15.25 7.63
C LYS B 311 13.83 -14.82 7.41
N PRO B 312 12.89 -15.66 7.82
CA PRO B 312 11.49 -15.38 7.48
C PRO B 312 10.99 -14.11 8.15
N VAL B 313 10.16 -13.35 7.43
CA VAL B 313 9.49 -12.18 8.01
C VAL B 313 7.97 -12.22 7.83
N ILE B 314 7.25 -11.92 8.89
CA ILE B 314 5.82 -12.08 8.92
C ILE B 314 5.21 -10.72 9.21
N CYS B 315 4.29 -10.31 8.35
CA CYS B 315 3.54 -9.07 8.57
CA CYS B 315 3.55 -9.07 8.56
C CYS B 315 2.23 -9.36 9.29
N ALA B 316 2.00 -8.67 10.39
CA ALA B 316 0.91 -9.05 11.30
C ALA B 316 0.07 -7.84 11.69
N THR B 317 -1.17 -8.10 12.10
CA THR B 317 -2.12 -7.08 12.60
C THR B 317 -2.60 -6.12 11.54
N GLN B 318 -3.87 -5.74 11.63
CA GLN B 318 -4.49 -4.75 10.72
C GLN B 318 -4.41 -5.19 9.29
N MET B 319 -4.78 -6.42 9.02
CA MET B 319 -4.64 -6.96 7.68
C MET B 319 -5.92 -6.83 6.87
N LEU B 320 -6.92 -7.61 7.22
CA LEU B 320 -8.19 -7.56 6.55
C LEU B 320 -9.28 -7.45 7.60
N GLU B 321 -9.10 -6.47 8.47
CA GLU B 321 -9.87 -6.36 9.71
C GLU B 321 -11.37 -6.25 9.50
N SER B 322 -11.79 -5.44 8.54
CA SER B 322 -13.21 -5.20 8.36
C SER B 322 -13.91 -6.50 7.97
N MET B 323 -13.13 -7.47 7.52
CA MET B 323 -13.65 -8.74 7.11
C MET B 323 -13.88 -9.67 8.28
N THR B 324 -13.58 -9.21 9.48
CA THR B 324 -13.97 -9.94 10.66
C THR B 324 -15.48 -10.07 10.70
N THR B 325 -16.19 -8.99 10.40
CA THR B 325 -17.65 -8.99 10.47
C THR B 325 -18.34 -8.76 9.12
N ASN B 326 -17.60 -8.31 8.10
CA ASN B 326 -18.17 -8.07 6.76
C ASN B 326 -17.67 -9.07 5.76
N PRO B 327 -18.51 -9.42 4.77
CA PRO B 327 -18.09 -10.40 3.76
C PRO B 327 -16.95 -9.89 2.87
N ARG B 328 -16.78 -8.57 2.85
CA ARG B 328 -15.84 -7.90 1.97
C ARG B 328 -14.92 -6.99 2.79
N PRO B 329 -13.62 -6.93 2.40
CA PRO B 329 -12.72 -5.90 2.94
C PRO B 329 -12.75 -4.67 2.06
N THR B 330 -12.15 -3.59 2.52
CA THR B 330 -11.94 -2.42 1.67
C THR B 330 -10.74 -2.62 0.71
N ARG B 331 -10.76 -1.90 -0.41
CA ARG B 331 -9.62 -1.91 -1.32
C ARG B 331 -8.29 -1.51 -0.60
N ALA B 332 -8.34 -0.48 0.25
CA ALA B 332 -7.17 -0.08 1.05
C ALA B 332 -6.58 -1.25 1.87
N GLU B 333 -7.46 -2.07 2.44
CA GLU B 333 -6.99 -3.21 3.22
C GLU B 333 -6.30 -4.20 2.29
N VAL B 334 -6.95 -4.49 1.18
CA VAL B 334 -6.41 -5.39 0.16
C VAL B 334 -5.06 -4.87 -0.38
N SER B 335 -5.02 -3.60 -0.70
CA SER B 335 -3.79 -2.92 -1.04
C SER B 335 -2.69 -3.12 0.03
N ASP B 336 -3.06 -2.99 1.30
CA ASP B 336 -2.11 -3.10 2.40
C ASP B 336 -1.47 -4.50 2.43
N VAL B 337 -2.30 -5.52 2.32
CA VAL B 337 -1.86 -6.90 2.26
C VAL B 337 -0.97 -7.14 1.07
N ALA B 338 -1.38 -6.64 -0.10
CA ALA B 338 -0.62 -6.85 -1.34
C ALA B 338 0.77 -6.23 -1.19
N ASN B 339 0.80 -5.04 -0.61
CA ASN B 339 2.05 -4.36 -0.48
CA ASN B 339 2.02 -4.28 -0.36
C ASN B 339 3.00 -5.03 0.56
N ALA B 340 2.47 -5.70 1.57
CA ALA B 340 3.33 -6.51 2.41
C ALA B 340 4.05 -7.54 1.54
N VAL B 341 3.32 -8.12 0.60
CA VAL B 341 3.93 -9.10 -0.31
C VAL B 341 4.96 -8.45 -1.22
N PHE B 342 4.62 -7.31 -1.83
CA PHE B 342 5.59 -6.55 -2.66
C PHE B 342 6.84 -6.15 -1.90
N ASN B 343 6.68 -5.77 -0.64
CA ASN B 343 7.81 -5.37 0.16
C ASN B 343 8.82 -6.51 0.26
N GLY B 344 8.33 -7.74 0.08
CA GLY B 344 9.19 -8.95 0.25
C GLY B 344 8.87 -9.85 1.46
N ALA B 345 7.75 -9.63 2.13
CA ALA B 345 7.36 -10.45 3.28
C ALA B 345 7.20 -11.94 2.87
N ASP B 346 7.69 -12.88 3.70
CA ASP B 346 7.41 -14.30 3.45
C ASP B 346 5.92 -14.57 3.72
N CYS B 347 5.43 -14.07 4.87
CA CYS B 347 4.10 -14.42 5.40
C CYS B 347 3.29 -13.24 5.75
N VAL B 348 1.99 -13.45 5.75
CA VAL B 348 1.03 -12.51 6.26
C VAL B 348 0.15 -13.24 7.28
N MET B 349 -0.28 -12.50 8.29
CA MET B 349 -0.94 -13.09 9.43
C MET B 349 -2.35 -12.57 9.59
N LEU B 350 -3.26 -13.46 9.96
CA LEU B 350 -4.63 -13.08 10.28
C LEU B 350 -4.86 -13.18 11.78
N SER B 351 -5.61 -12.24 12.32
CA SER B 351 -5.83 -12.20 13.75
C SER B 351 -7.29 -12.48 14.06
N GLY B 352 -8.01 -11.47 14.50
CA GLY B 352 -9.43 -11.57 14.73
C GLY B 352 -10.22 -12.11 13.55
N GLU B 353 -9.73 -11.88 12.33
CA GLU B 353 -10.43 -12.32 11.13
C GLU B 353 -10.73 -13.83 11.17
N THR B 354 -9.79 -14.60 11.71
CA THR B 354 -9.95 -16.05 11.83
C THR B 354 -10.32 -16.47 13.25
N ALA B 355 -9.77 -15.78 14.24
CA ALA B 355 -10.00 -16.14 15.63
C ALA B 355 -11.49 -16.00 16.03
N LYS B 356 -12.18 -14.97 15.54
CA LYS B 356 -13.53 -14.68 16.00
C LYS B 356 -14.50 -14.18 14.90
N GLY B 357 -14.02 -14.05 13.67
CA GLY B 357 -14.84 -13.51 12.59
C GLY B 357 -15.88 -14.48 12.06
N LYS B 358 -16.78 -13.96 11.23
CA LYS B 358 -17.86 -14.77 10.70
C LYS B 358 -17.46 -15.48 9.43
N TYR B 359 -16.34 -15.07 8.84
CA TYR B 359 -15.91 -15.64 7.56
C TYR B 359 -14.48 -16.17 7.55
N PRO B 360 -14.10 -16.94 8.56
CA PRO B 360 -12.74 -17.50 8.60
C PRO B 360 -12.24 -18.03 7.25
N ASN B 361 -12.87 -19.06 6.73
CA ASN B 361 -12.48 -19.63 5.44
C ASN B 361 -12.37 -18.62 4.31
N GLU B 362 -13.36 -17.74 4.22
CA GLU B 362 -13.45 -16.80 3.11
C GLU B 362 -12.31 -15.79 3.17
N VAL B 363 -11.92 -15.39 4.38
CA VAL B 363 -10.84 -14.40 4.56
C VAL B 363 -9.52 -15.01 4.15
N VAL B 364 -9.33 -16.30 4.48
CA VAL B 364 -8.12 -16.99 4.16
C VAL B 364 -8.01 -17.22 2.65
N GLN B 365 -9.12 -17.64 2.05
CA GLN B 365 -9.16 -17.83 0.60
C GLN B 365 -8.84 -16.51 -0.08
N TYR B 366 -9.35 -15.41 0.49
CA TYR B 366 -9.15 -14.12 -0.11
C TYR B 366 -7.71 -13.64 0.02
N MET B 367 -7.10 -13.86 1.19
CA MET B 367 -5.67 -13.56 1.36
C MET B 367 -4.80 -14.34 0.36
N ALA B 368 -5.11 -15.61 0.18
CA ALA B 368 -4.37 -16.45 -0.73
C ALA B 368 -4.45 -15.86 -2.12
N ARG B 369 -5.64 -15.43 -2.49
CA ARG B 369 -5.85 -14.81 -3.78
C ARG B 369 -5.04 -13.53 -3.91
N ILE B 370 -5.03 -12.71 -2.87
CA ILE B 370 -4.35 -11.42 -2.95
C ILE B 370 -2.87 -11.65 -3.11
N CYS B 371 -2.35 -12.57 -2.29
CA CYS B 371 -0.98 -12.96 -2.30
C CYS B 371 -0.56 -13.38 -3.68
N LEU B 372 -1.44 -14.09 -4.36
CA LEU B 372 -1.06 -14.72 -5.60
C LEU B 372 -1.07 -13.70 -6.73
N GLU B 373 -2.05 -12.80 -6.70
CA GLU B 373 -2.03 -11.61 -7.56
C GLU B 373 -0.75 -10.79 -7.41
N ALA B 374 -0.37 -10.50 -6.17
CA ALA B 374 0.79 -9.66 -5.95
C ALA B 374 2.06 -10.40 -6.43
N GLN B 375 2.12 -11.70 -6.17
CA GLN B 375 3.21 -12.52 -6.62
C GLN B 375 3.38 -12.39 -8.13
N SER B 376 2.29 -12.53 -8.84
CA SER B 376 2.28 -12.49 -10.29
C SER B 376 2.70 -11.10 -10.80
N ALA B 377 2.37 -10.04 -10.05
CA ALA B 377 2.71 -8.66 -10.44
C ALA B 377 4.15 -8.25 -10.04
N THR B 378 4.85 -9.14 -9.35
CA THR B 378 6.23 -8.90 -8.97
C THR B 378 7.17 -9.48 -10.04
N ASN B 379 8.17 -8.69 -10.42
CA ASN B 379 9.35 -9.20 -11.11
C ASN B 379 10.34 -9.86 -10.12
N GLN B 380 10.18 -11.17 -9.91
CA GLN B 380 11.05 -11.93 -9.02
C GLN B 380 12.53 -11.84 -9.40
N ALA B 381 12.80 -11.79 -10.71
CA ALA B 381 14.18 -11.70 -11.18
C ALA B 381 14.89 -10.46 -10.57
N VAL B 382 14.15 -9.38 -10.36
CA VAL B 382 14.77 -8.17 -9.84
C VAL B 382 15.23 -8.32 -8.40
N MET B 383 14.45 -9.04 -7.61
CA MET B 383 14.82 -9.34 -6.24
C MET B 383 15.95 -10.37 -6.14
N PHE B 384 15.95 -11.34 -7.04
CA PHE B 384 17.09 -12.22 -7.19
C PHE B 384 18.37 -11.40 -7.42
N ASN B 385 18.35 -10.48 -8.38
CA ASN B 385 19.54 -9.70 -8.70
C ASN B 385 20.00 -8.81 -7.56
N SER B 386 19.03 -8.19 -6.89
CA SER B 386 19.29 -7.34 -5.77
C SER B 386 19.98 -8.08 -4.64
N ILE B 387 19.47 -9.27 -4.33
CA ILE B 387 20.10 -10.12 -3.33
C ILE B 387 21.50 -10.55 -3.77
N LYS B 388 21.59 -11.03 -4.99
CA LYS B 388 22.85 -11.48 -5.53
C LYS B 388 23.92 -10.37 -5.62
N LYS B 389 23.51 -9.14 -5.89
CA LYS B 389 24.49 -8.06 -5.99
C LYS B 389 25.12 -7.73 -4.64
N MET B 390 24.54 -8.26 -3.58
CA MET B 390 25.01 -7.97 -2.25
C MET B 390 25.97 -8.98 -1.68
N GLN B 391 26.15 -10.10 -2.36
CA GLN B 391 27.05 -11.13 -1.87
C GLN B 391 28.50 -10.68 -2.11
N LYS B 392 29.39 -10.95 -1.17
CA LYS B 392 30.80 -10.59 -1.38
C LYS B 392 31.48 -11.62 -2.26
N LEU B 393 32.42 -11.17 -3.09
CA LEU B 393 33.26 -12.07 -3.89
C LEU B 393 34.61 -12.23 -3.20
N PRO B 394 35.13 -13.48 -3.14
CA PRO B 394 34.46 -14.71 -3.58
C PRO B 394 33.35 -15.13 -2.64
N MET B 395 32.42 -15.94 -3.14
CA MET B 395 31.38 -16.53 -2.33
C MET B 395 31.89 -17.81 -1.69
N SER B 396 31.27 -18.21 -0.58
CA SER B 396 31.43 -19.57 -0.08
C SER B 396 30.73 -20.59 -1.02
N PRO B 397 31.21 -21.85 -1.03
CA PRO B 397 30.55 -22.85 -1.85
C PRO B 397 29.01 -22.88 -1.69
N GLU B 398 28.51 -22.90 -0.46
CA GLU B 398 27.05 -23.05 -0.26
C GLU B 398 26.27 -21.89 -0.84
N GLU B 399 26.82 -20.71 -0.72
CA GLU B 399 26.20 -19.52 -1.26
C GLU B 399 26.24 -19.56 -2.78
N ALA B 400 27.36 -20.01 -3.35
CA ALA B 400 27.48 -20.12 -4.81
C ALA B 400 26.53 -21.19 -5.35
N VAL B 401 26.42 -22.30 -4.64
CA VAL B 401 25.58 -23.37 -5.08
C VAL B 401 24.11 -22.95 -5.04
N CYS B 402 23.65 -22.35 -3.95
CA CYS B 402 22.24 -21.95 -3.90
C CYS B 402 21.87 -20.86 -4.87
N SER B 403 22.70 -19.84 -5.02
CA SER B 403 22.37 -18.77 -5.94
C SER B 403 22.49 -19.25 -7.39
N SER B 404 23.44 -20.15 -7.62
CA SER B 404 23.58 -20.73 -8.93
C SER B 404 22.36 -21.56 -9.30
N ALA B 405 21.84 -22.30 -8.33
CA ALA B 405 20.68 -23.11 -8.57
C ALA B 405 19.49 -22.22 -8.93
N VAL B 406 19.30 -21.12 -8.22
CA VAL B 406 18.18 -20.23 -8.54
C VAL B 406 18.35 -19.56 -9.91
N ASN B 407 19.58 -19.21 -10.24
CA ASN B 407 19.87 -18.71 -11.56
C ASN B 407 19.49 -19.70 -12.70
N SER B 408 19.76 -20.98 -12.47
CA SER B 408 19.39 -22.03 -13.40
C SER B 408 17.90 -22.13 -13.63
N VAL B 409 17.11 -22.01 -12.56
CA VAL B 409 15.66 -22.00 -12.69
C VAL B 409 15.23 -20.94 -13.69
N TYR B 410 15.83 -19.74 -13.64
CA TYR B 410 15.52 -18.69 -14.62
C TYR B 410 16.05 -19.01 -16.00
N GLU B 411 17.28 -19.51 -16.10
CA GLU B 411 17.90 -19.76 -17.42
C GLU B 411 17.29 -20.88 -18.25
N VAL B 412 16.93 -21.98 -17.61
CA VAL B 412 16.29 -23.09 -18.33
C VAL B 412 14.78 -23.14 -18.16
N ARG B 413 14.25 -22.22 -17.36
CA ARG B 413 12.82 -22.18 -17.03
C ARG B 413 12.31 -23.42 -16.35
N ALA B 414 13.04 -23.86 -15.33
CA ALA B 414 12.64 -25.06 -14.58
C ALA B 414 11.36 -24.71 -13.86
N LYS B 415 10.59 -25.69 -13.47
CA LYS B 415 9.28 -25.41 -12.90
C LYS B 415 9.12 -25.75 -11.40
N ALA B 416 10.13 -26.42 -10.82
CA ALA B 416 10.31 -26.48 -9.37
C ALA B 416 11.77 -26.63 -9.04
N LEU B 417 12.12 -26.26 -7.80
CA LEU B 417 13.46 -26.40 -7.32
C LEU B 417 13.43 -27.32 -6.13
N LEU B 418 14.20 -28.38 -6.20
CA LEU B 418 14.22 -29.37 -5.14
C LEU B 418 15.48 -29.21 -4.30
N VAL B 419 15.31 -29.16 -3.00
CA VAL B 419 16.42 -29.01 -2.12
C VAL B 419 16.37 -30.10 -1.08
N LEU B 420 17.48 -30.82 -0.88
CA LEU B 420 17.58 -31.84 0.17
C LEU B 420 18.25 -31.25 1.38
N SER B 421 17.46 -30.97 2.41
CA SER B 421 18.00 -30.38 3.61
C SER B 421 17.19 -30.89 4.79
N ASN B 422 17.83 -31.68 5.65
CA ASN B 422 17.15 -32.20 6.82
C ASN B 422 16.76 -31.15 7.87
N SER B 423 17.57 -30.10 8.01
CA SER B 423 17.32 -29.09 9.01
C SER B 423 16.51 -27.94 8.42
N GLY B 424 16.53 -27.82 7.10
CA GLY B 424 15.74 -26.79 6.44
C GLY B 424 16.59 -25.61 6.01
N ARG B 425 17.83 -25.59 6.49
CA ARG B 425 18.76 -24.51 6.21
C ARG B 425 18.89 -24.10 4.72
N SER B 426 19.08 -25.08 3.85
CA SER B 426 19.27 -24.78 2.40
C SER B 426 18.01 -24.33 1.74
N ALA B 427 16.86 -24.80 2.24
CA ALA B 427 15.60 -24.34 1.70
C ALA B 427 15.41 -22.87 2.03
N ARG B 428 15.77 -22.49 3.24
CA ARG B 428 15.75 -21.07 3.61
C ARG B 428 16.74 -20.28 2.75
N LEU B 429 17.91 -20.88 2.51
CA LEU B 429 18.93 -20.23 1.71
C LEU B 429 18.49 -20.11 0.25
N ALA B 430 17.78 -21.12 -0.27
CA ALA B 430 17.29 -21.03 -1.65
C ALA B 430 16.17 -19.97 -1.78
N SER B 431 15.29 -19.91 -0.77
CA SER B 431 14.18 -19.00 -0.78
C SER B 431 14.68 -17.55 -0.68
N LYS B 432 15.81 -17.35 0.00
CA LYS B 432 16.44 -16.03 0.01
C LYS B 432 16.59 -15.45 -1.41
N TYR B 433 16.99 -16.30 -2.36
CA TYR B 433 17.33 -15.85 -3.69
C TYR B 433 16.10 -15.65 -4.61
N ARG B 434 14.90 -15.97 -4.10
CA ARG B 434 13.62 -15.69 -4.82
C ARG B 434 13.50 -16.36 -6.19
N PRO B 435 13.56 -17.68 -6.23
CA PRO B 435 13.17 -18.29 -7.50
C PRO B 435 11.67 -18.03 -7.77
N ASP B 436 11.29 -17.95 -9.04
CA ASP B 436 9.90 -17.71 -9.42
C ASP B 436 9.12 -19.03 -9.59
N CYS B 437 9.61 -20.09 -8.96
CA CYS B 437 8.93 -21.38 -9.01
C CYS B 437 8.84 -21.92 -7.59
N PRO B 438 8.08 -22.99 -7.41
CA PRO B 438 8.03 -23.55 -6.05
C PRO B 438 9.35 -24.18 -5.61
N ILE B 439 9.56 -24.26 -4.30
CA ILE B 439 10.72 -24.97 -3.74
C ILE B 439 10.22 -26.18 -2.92
N ILE B 440 10.51 -27.38 -3.38
CA ILE B 440 10.31 -28.58 -2.56
C ILE B 440 11.53 -28.87 -1.70
N CYS B 441 11.29 -29.10 -0.42
CA CYS B 441 12.37 -29.52 0.48
C CYS B 441 12.13 -30.95 0.92
N ALA B 442 13.02 -31.85 0.54
CA ALA B 442 13.00 -33.20 1.08
C ALA B 442 13.77 -33.26 2.40
N THR B 443 13.06 -33.55 3.49
CA THR B 443 13.71 -33.63 4.77
C THR B 443 13.33 -34.89 5.53
N THR B 444 14.22 -35.35 6.41
CA THR B 444 13.94 -36.55 7.24
C THR B 444 13.27 -36.20 8.53
N ARG B 445 13.00 -34.92 8.76
CA ARG B 445 12.47 -34.44 10.03
C ARG B 445 11.09 -33.76 9.88
N MET B 446 10.08 -34.33 10.54
CA MET B 446 8.74 -33.75 10.60
C MET B 446 8.76 -32.32 11.07
N ARG B 447 9.57 -32.07 12.10
CA ARG B 447 9.71 -30.74 12.65
C ARG B 447 10.12 -29.74 11.57
N THR B 448 11.00 -30.17 10.66
CA THR B 448 11.46 -29.30 9.61
C THR B 448 10.32 -28.96 8.65
N CYS B 449 9.54 -29.96 8.28
CA CYS B 449 8.32 -29.74 7.55
C CYS B 449 7.46 -28.61 8.16
N ARG B 450 7.24 -28.67 9.46
CA ARG B 450 6.38 -27.70 10.11
C ARG B 450 7.07 -26.35 10.23
N GLN B 451 8.39 -26.40 10.36
CA GLN B 451 9.13 -25.16 10.51
C GLN B 451 9.27 -24.39 9.21
N LEU B 452 9.13 -25.11 8.09
CA LEU B 452 9.32 -24.48 6.80
C LEU B 452 8.04 -23.77 6.34
N THR B 453 6.97 -23.89 7.11
CA THR B 453 5.66 -23.32 6.74
C THR B 453 5.68 -21.81 6.74
N ILE B 454 6.75 -21.22 7.25
CA ILE B 454 6.87 -19.77 7.25
C ILE B 454 7.90 -19.26 6.24
N THR B 455 8.38 -20.15 5.40
CA THR B 455 9.39 -19.74 4.43
C THR B 455 8.80 -19.62 3.02
N ARG B 456 9.00 -18.46 2.40
CA ARG B 456 8.43 -18.20 1.10
C ARG B 456 8.80 -19.28 0.10
N SER B 457 7.78 -19.83 -0.58
CA SER B 457 7.93 -20.71 -1.75
C SER B 457 8.04 -22.22 -1.43
N VAL B 458 8.14 -22.57 -0.17
CA VAL B 458 8.58 -23.91 0.17
C VAL B 458 7.46 -24.85 0.50
N ASP B 459 7.49 -26.05 -0.11
CA ASP B 459 6.67 -27.20 0.34
C ASP B 459 7.62 -28.30 0.78
N ALA B 460 7.52 -28.67 2.05
CA ALA B 460 8.37 -29.70 2.62
C ALA B 460 7.72 -31.04 2.38
N VAL B 461 8.51 -32.04 2.04
CA VAL B 461 8.02 -33.40 1.97
C VAL B 461 8.89 -34.33 2.83
N PHE B 462 8.26 -35.21 3.58
CA PHE B 462 8.94 -36.01 4.58
C PHE B 462 9.48 -37.31 3.99
N TYR B 463 10.78 -37.50 4.11
CA TYR B 463 11.38 -38.79 3.77
C TYR B 463 11.47 -39.67 5.02
N ASP B 464 10.75 -40.78 4.99
CA ASP B 464 10.72 -41.69 6.15
C ASP B 464 11.88 -42.68 6.07
N ALA B 465 13.00 -42.33 6.67
CA ALA B 465 14.22 -43.12 6.50
C ALA B 465 14.10 -44.50 7.13
N GLU B 466 13.24 -44.61 8.14
CA GLU B 466 13.04 -45.87 8.87
C GLU B 466 12.38 -46.89 7.96
N ARG B 467 11.54 -46.40 7.05
CA ARG B 467 10.82 -47.28 6.13
C ARG B 467 11.59 -47.52 4.82
N TYR B 468 12.37 -46.54 4.36
CA TYR B 468 12.93 -46.60 3.00
C TYR B 468 14.42 -46.70 2.97
N GLY B 469 15.06 -46.57 4.12
CA GLY B 469 16.52 -46.70 4.21
C GLY B 469 17.19 -45.35 4.18
N GLU B 470 18.51 -45.35 4.36
CA GLU B 470 19.24 -44.11 4.64
C GLU B 470 19.49 -43.28 3.39
N ASP B 471 19.34 -43.91 2.22
CA ASP B 471 19.40 -43.17 0.97
C ASP B 471 20.73 -42.41 0.82
N GLU B 472 21.84 -43.09 1.05
CA GLU B 472 23.15 -42.48 0.93
C GLU B 472 23.37 -41.76 -0.42
N ASN B 473 22.92 -42.34 -1.52
CA ASN B 473 23.11 -41.69 -2.82
C ASN B 473 21.96 -40.71 -3.24
N LYS B 474 21.08 -40.39 -2.31
CA LYS B 474 20.07 -39.36 -2.49
C LYS B 474 18.98 -39.71 -3.50
N GLU B 475 19.16 -40.80 -4.24
CA GLU B 475 18.22 -41.12 -5.33
C GLU B 475 16.77 -41.27 -4.88
N LYS B 476 16.55 -41.78 -3.69
CA LYS B 476 15.19 -41.97 -3.25
C LYS B 476 14.54 -40.62 -2.91
N ARG B 477 15.32 -39.74 -2.26
CA ARG B 477 14.81 -38.44 -1.88
C ARG B 477 14.56 -37.54 -3.10
N VAL B 478 15.44 -37.65 -4.10
CA VAL B 478 15.21 -36.98 -5.36
C VAL B 478 13.91 -37.42 -6.03
N GLN B 479 13.67 -38.74 -6.11
CA GLN B 479 12.39 -39.22 -6.66
C GLN B 479 11.18 -38.76 -5.81
N LEU B 480 11.30 -38.81 -4.48
CA LEU B 480 10.23 -38.36 -3.62
C LEU B 480 9.86 -36.92 -3.94
N GLY B 481 10.89 -36.10 -4.11
CA GLY B 481 10.68 -34.71 -4.38
C GLY B 481 10.03 -34.47 -5.73
N VAL B 482 10.48 -35.18 -6.75
CA VAL B 482 9.84 -35.12 -8.08
C VAL B 482 8.36 -35.53 -7.99
N ASP B 483 8.09 -36.65 -7.33
CA ASP B 483 6.71 -37.10 -7.12
C ASP B 483 5.86 -36.01 -6.44
N CYS B 484 6.46 -35.32 -5.48
CA CYS B 484 5.75 -34.29 -4.72
C CYS B 484 5.32 -33.13 -5.65
N ALA B 485 6.20 -32.75 -6.56
CA ALA B 485 5.92 -31.70 -7.50
C ALA B 485 4.86 -32.15 -8.50
N LYS B 486 4.92 -33.41 -8.92
CA LYS B 486 3.84 -34.04 -9.71
C LYS B 486 2.49 -34.06 -8.97
N LYS B 487 2.44 -34.58 -7.75
CA LYS B 487 1.17 -34.59 -7.01
C LYS B 487 0.59 -33.19 -6.95
N LYS B 488 1.44 -32.22 -6.59
CA LYS B 488 0.98 -30.84 -6.41
C LYS B 488 0.65 -30.09 -7.70
N GLY B 489 0.96 -30.66 -8.85
CA GLY B 489 0.62 -30.01 -10.10
C GLY B 489 1.67 -29.01 -10.58
N TYR B 490 2.84 -28.98 -9.95
CA TYR B 490 3.89 -28.05 -10.39
C TYR B 490 4.56 -28.49 -11.68
N VAL B 491 4.82 -29.79 -11.81
CA VAL B 491 5.52 -30.29 -12.98
C VAL B 491 4.77 -31.44 -13.61
N VAL B 492 5.05 -31.71 -14.89
CA VAL B 492 4.65 -32.95 -15.58
C VAL B 492 5.85 -33.58 -16.30
N PRO B 493 5.70 -34.81 -16.80
CA PRO B 493 6.87 -35.33 -17.51
C PRO B 493 7.25 -34.41 -18.67
N GLY B 494 8.56 -34.21 -18.86
CA GLY B 494 9.10 -33.26 -19.83
C GLY B 494 9.48 -31.88 -19.28
N ASP B 495 8.90 -31.49 -18.15
CA ASP B 495 9.37 -30.30 -17.48
C ASP B 495 10.78 -30.48 -16.86
N LEU B 496 11.40 -29.36 -16.47
CA LEU B 496 12.69 -29.39 -15.85
C LEU B 496 12.54 -29.03 -14.42
N MET B 497 13.30 -29.72 -13.57
CA MET B 497 13.57 -29.27 -12.22
C MET B 497 15.07 -29.04 -11.95
N VAL B 498 15.35 -28.19 -10.98
CA VAL B 498 16.68 -28.00 -10.48
C VAL B 498 16.78 -28.63 -9.10
N VAL B 499 17.87 -29.34 -8.85
CA VAL B 499 18.05 -30.05 -7.56
C VAL B 499 19.28 -29.55 -6.85
N VAL B 500 19.16 -29.38 -5.54
CA VAL B 500 20.29 -29.05 -4.70
C VAL B 500 20.42 -30.04 -3.54
N HIS B 501 21.65 -30.46 -3.25
CA HIS B 501 21.96 -31.30 -2.07
C HIS B 501 23.46 -31.38 -1.74
N ALA B 502 23.78 -31.98 -0.59
CA ALA B 502 25.17 -32.36 -0.25
C ALA B 502 25.61 -33.66 -0.98
N ASP B 503 26.91 -34.02 -0.92
CA ASP B 503 27.45 -35.21 -1.71
C ASP B 503 27.70 -36.50 -0.88
N GLY B 508 26.68 -31.98 5.78
CA GLY B 508 27.10 -30.59 5.88
C GLY B 508 26.13 -29.67 5.15
N TYR B 509 26.67 -28.77 4.35
CA TYR B 509 25.87 -27.89 3.51
C TYR B 509 25.75 -28.44 2.09
N PRO B 510 24.84 -27.87 1.30
CA PRO B 510 24.59 -28.23 -0.10
C PRO B 510 25.76 -27.82 -1.00
N ASN B 511 26.24 -28.74 -1.82
CA ASN B 511 27.42 -28.46 -2.63
C ASN B 511 27.29 -28.93 -4.06
N GLN B 512 26.13 -29.51 -4.37
CA GLN B 512 25.82 -30.07 -5.67
C GLN B 512 24.52 -29.52 -6.21
N THR B 513 24.45 -29.32 -7.53
CA THR B 513 23.20 -29.00 -8.18
C THR B 513 22.98 -30.04 -9.24
N ARG B 514 21.71 -30.32 -9.56
CA ARG B 514 21.40 -31.00 -10.83
C ARG B 514 20.32 -30.30 -11.58
N ILE B 515 20.32 -30.50 -12.88
CA ILE B 515 19.22 -30.11 -13.70
C ILE B 515 18.69 -31.35 -14.35
N ILE B 516 17.40 -31.61 -14.17
CA ILE B 516 16.81 -32.90 -14.58
C ILE B 516 15.49 -32.71 -15.33
N TYR B 517 15.20 -33.65 -16.24
CA TYR B 517 13.88 -33.79 -16.83
C TYR B 517 12.99 -34.62 -15.96
N VAL B 518 11.77 -34.16 -15.74
CA VAL B 518 10.81 -34.96 -15.00
C VAL B 518 10.36 -36.11 -15.87
N SER B 519 10.28 -37.29 -15.27
CA SER B 519 9.79 -38.50 -15.93
C SER B 519 8.45 -39.02 -15.38
#